data_6UW3
#
_entry.id   6UW3
#
_cell.length_a   46.067
_cell.length_b   73.629
_cell.length_c   90.931
_cell.angle_alpha   90.000
_cell.angle_beta   95.380
_cell.angle_gamma   90.000
#
_symmetry.space_group_name_H-M   'P 1 21 1'
#
loop_
_entity.id
_entity.type
_entity.pdbx_description
1 polymer 'Phosphoenolpyruvate transferase'
2 non-polymer "GUANOSINE-5'-DIPHOSPHATE"
3 non-polymer GLYCEROL
4 non-polymer 'CALCIUM ION'
5 water water
#
_entity_poly.entity_id   1
_entity_poly.type   'polypeptide(L)'
_entity_poly.pdbx_seq_one_letter_code
;MKITVLVGGVGGARFLLGVQNLLGLGSFADGPSKHELTAVVNIGDDAWMHGVRICPDLDTCMYTLGGGIDPDRGWGHRNE
TWNAKEELAAYGVQPDWFGLGDRDLATHLVRSQMLRAGYPLSQVTEALCKRWQPGARLLPASDERSETHVVITDPTDGER
RAIHFQEWWVRYRAKVPTHSFAYVGADQATAGPGVVEAIGDADIVLLAPSNPVVSIGPILQIPGIRGALRSTSAPVIGYS
PIIAGKPLRGMADECLKVIGVESTSQAVGEFFGARAGTGLLDGWLVHEGDHAQIEGVKVKAVPLLMTDPEATAAMVRAGL
DLAGVSL
;
_entity_poly.pdbx_strand_id   B,A
#
loop_
_chem_comp.id
_chem_comp.type
_chem_comp.name
_chem_comp.formula
CA non-polymer 'CALCIUM ION' 'Ca 2'
GDP RNA linking GUANOSINE-5'-DIPHOSPHATE 'C10 H15 N5 O11 P2'
GOL non-polymer GLYCEROL 'C3 H8 O3'
#
# COMPACT_ATOMS: atom_id res chain seq x y z
N MET A 1 4.93 25.78 -30.31
CA MET A 1 3.68 25.17 -29.82
C MET A 1 3.95 23.81 -29.17
N LYS A 2 4.94 23.06 -29.66
CA LYS A 2 5.17 21.71 -29.08
C LYS A 2 6.64 21.50 -28.71
N ILE A 3 6.87 21.27 -27.42
CA ILE A 3 8.19 20.98 -26.89
C ILE A 3 8.20 19.56 -26.34
N THR A 4 9.23 18.80 -26.66
CA THR A 4 9.43 17.48 -26.10
C THR A 4 10.79 17.44 -25.41
N VAL A 5 10.80 17.09 -24.11
CA VAL A 5 12.02 17.02 -23.32
C VAL A 5 12.16 15.62 -22.74
N LEU A 6 13.37 15.06 -22.82
CA LEU A 6 13.71 13.80 -22.16
C LEU A 6 14.29 14.07 -20.78
N VAL A 7 13.77 13.42 -19.75
CA VAL A 7 14.15 13.78 -18.38
C VAL A 7 14.39 12.56 -17.51
N GLY A 8 15.13 12.84 -16.43
CA GLY A 8 15.35 11.93 -15.31
C GLY A 8 14.43 12.36 -14.19
N GLY A 9 14.96 12.51 -12.97
CA GLY A 9 14.12 12.85 -11.80
C GLY A 9 14.22 14.30 -11.36
N VAL A 10 15.01 14.58 -10.33
CA VAL A 10 15.12 15.97 -9.79
C VAL A 10 15.67 16.90 -10.88
N GLY A 11 16.72 16.49 -11.59
CA GLY A 11 17.27 17.34 -12.64
C GLY A 11 16.27 17.58 -13.75
N GLY A 12 15.57 16.51 -14.15
CA GLY A 12 14.56 16.60 -15.23
C GLY A 12 13.39 17.48 -14.87
N ALA A 13 12.88 17.35 -13.64
CA ALA A 13 11.72 18.14 -13.17
C ALA A 13 12.12 19.60 -13.07
N ARG A 14 13.33 19.86 -12.59
CA ARG A 14 13.81 21.27 -12.44
C ARG A 14 13.92 21.91 -13.82
N PHE A 15 14.42 21.17 -14.81
CA PHE A 15 14.52 21.68 -16.20
C PHE A 15 13.12 21.91 -16.76
N LEU A 16 12.21 20.97 -16.49
CA LEU A 16 10.81 21.11 -16.99
C LEU A 16 10.21 22.40 -16.43
N LEU A 17 10.55 22.75 -15.19
CA LEU A 17 10.08 24.00 -14.62
C LEU A 17 10.53 25.17 -15.47
N GLY A 18 11.80 25.17 -15.90
CA GLY A 18 12.28 26.27 -16.74
C GLY A 18 11.47 26.41 -18.01
N VAL A 19 11.14 25.28 -18.63
CA VAL A 19 10.30 25.28 -19.81
C VAL A 19 8.94 25.89 -19.49
N GLN A 20 8.32 25.46 -18.38
CA GLN A 20 7.00 26.01 -18.04
C GLN A 20 7.07 27.51 -17.79
N ASN A 21 8.09 27.96 -17.05
CA ASN A 21 8.21 29.38 -16.75
C ASN A 21 8.40 30.20 -18.01
N LEU A 22 9.18 29.68 -18.95
CA LEU A 22 9.42 30.38 -20.21
C LEU A 22 8.14 30.53 -21.01
N LEU A 23 7.31 29.49 -21.02
CA LEU A 23 6.14 29.42 -21.89
C LEU A 23 4.83 29.61 -21.12
N GLY A 24 4.88 30.08 -19.87
CA GLY A 24 3.66 30.23 -19.10
C GLY A 24 2.81 28.98 -19.00
N LEU A 25 3.40 27.89 -18.52
CA LEU A 25 2.69 26.63 -18.37
C LEU A 25 2.58 26.25 -16.90
N GLY A 26 1.63 25.36 -16.61
CA GLY A 26 1.46 24.86 -15.26
C GLY A 26 1.28 26.00 -14.27
N SER A 27 2.01 25.93 -13.15
CA SER A 27 1.91 26.93 -12.09
C SER A 27 2.33 28.31 -12.57
N PHE A 28 3.05 28.39 -13.68
CA PHE A 28 3.48 29.66 -14.25
C PHE A 28 2.45 30.21 -15.21
N ALA A 29 1.31 29.52 -15.38
CA ALA A 29 0.34 30.00 -16.36
C ALA A 29 -0.25 31.33 -15.93
N ASP A 30 -0.32 32.26 -16.90
CA ASP A 30 -0.78 33.64 -16.77
C ASP A 30 -1.53 34.06 -18.06
N GLY A 31 -2.63 33.37 -18.32
CA GLY A 31 -3.41 33.64 -19.54
C GLY A 31 -3.48 32.41 -20.41
N PRO A 32 -4.06 32.48 -21.63
CA PRO A 32 -4.21 31.30 -22.47
C PRO A 32 -2.83 30.72 -22.82
N SER A 33 -2.69 29.40 -22.71
CA SER A 33 -1.40 28.72 -23.01
C SER A 33 -1.21 28.64 -24.53
N LYS A 34 -0.04 28.99 -25.02
CA LYS A 34 0.19 28.91 -26.47
C LYS A 34 1.07 27.71 -26.83
N HIS A 35 1.65 27.01 -25.84
CA HIS A 35 2.54 25.85 -26.12
C HIS A 35 2.17 24.64 -25.26
N GLU A 36 2.51 23.43 -25.74
CA GLU A 36 2.26 22.18 -24.97
C GLU A 36 3.60 21.47 -24.73
N LEU A 37 3.86 21.07 -23.48
CA LEU A 37 5.11 20.46 -23.08
C LEU A 37 4.90 18.97 -22.78
N THR A 38 5.69 18.13 -23.44
CA THR A 38 5.68 16.68 -23.28
C THR A 38 7.01 16.23 -22.73
N ALA A 39 6.96 15.46 -21.66
CA ALA A 39 8.14 14.87 -21.07
C ALA A 39 8.18 13.38 -21.38
N VAL A 40 9.32 12.91 -21.90
CA VAL A 40 9.61 11.48 -21.99
C VAL A 40 10.47 11.15 -20.78
N VAL A 41 9.91 10.38 -19.84
CA VAL A 41 10.46 10.22 -18.49
C VAL A 41 11.13 8.86 -18.36
N ASN A 42 12.33 8.85 -17.79
CA ASN A 42 13.04 7.62 -17.51
C ASN A 42 12.21 6.68 -16.65
N ILE A 43 12.15 5.41 -17.04
CA ILE A 43 11.57 4.34 -16.24
C ILE A 43 12.63 3.37 -15.73
N GLY A 44 13.91 3.71 -15.91
CA GLY A 44 14.97 2.76 -15.60
C GLY A 44 15.09 2.44 -14.13
N ASP A 45 14.70 3.35 -13.26
CA ASP A 45 14.85 3.07 -11.82
C ASP A 45 13.61 2.40 -11.27
N ASP A 46 12.60 2.16 -12.06
CA ASP A 46 11.37 1.63 -11.52
C ASP A 46 11.61 0.26 -10.90
N ALA A 47 10.93 0.02 -9.77
CA ALA A 47 11.17 -1.20 -9.04
C ALA A 47 9.90 -1.56 -8.30
N TRP A 48 9.82 -2.85 -7.95
CA TRP A 48 8.79 -3.38 -7.06
C TRP A 48 9.43 -3.49 -5.70
N MET A 49 8.95 -2.70 -4.75
CA MET A 49 9.49 -2.69 -3.39
C MET A 49 8.35 -2.85 -2.40
N HIS A 50 8.50 -3.79 -1.47
CA HIS A 50 7.48 -4.02 -0.46
C HIS A 50 6.12 -4.26 -1.11
N GLY A 51 6.13 -4.87 -2.28
CA GLY A 51 4.94 -5.19 -3.01
C GLY A 51 4.23 -4.05 -3.72
N VAL A 52 4.86 -2.89 -3.87
CA VAL A 52 4.26 -1.76 -4.57
C VAL A 52 5.25 -1.25 -5.61
N ARG A 53 4.71 -0.77 -6.73
CA ARG A 53 5.54 -0.30 -7.82
C ARG A 53 5.93 1.15 -7.60
N ILE A 54 7.23 1.41 -7.65
CA ILE A 54 7.81 2.73 -7.44
C ILE A 54 8.33 3.23 -8.79
N CYS A 55 7.91 4.46 -9.19
CA CYS A 55 8.41 5.12 -10.39
C CYS A 55 9.01 6.44 -9.93
N PRO A 56 10.30 6.45 -9.59
CA PRO A 56 10.87 7.66 -8.96
C PRO A 56 10.87 8.89 -9.85
N ASP A 57 11.34 8.73 -11.09
CA ASP A 57 11.48 9.85 -12.06
C ASP A 57 10.11 10.38 -12.46
N LEU A 58 9.17 9.49 -12.76
CA LEU A 58 7.84 9.98 -13.07
C LEU A 58 7.25 10.76 -11.87
N ASP A 59 7.44 10.24 -10.65
CA ASP A 59 6.84 10.86 -9.48
C ASP A 59 7.46 12.22 -9.18
N THR A 60 8.79 12.29 -9.23
CA THR A 60 9.49 13.56 -8.92
C THR A 60 8.96 14.67 -9.83
N CYS A 61 8.94 14.41 -11.14
CA CYS A 61 8.43 15.37 -12.13
C CYS A 61 6.99 15.74 -11.75
N MET A 62 6.16 14.75 -11.49
CA MET A 62 4.75 14.98 -11.14
C MET A 62 4.63 15.77 -9.86
N TYR A 63 5.37 15.38 -8.82
CA TYR A 63 5.30 16.14 -7.58
C TYR A 63 5.82 17.55 -7.78
N THR A 64 6.98 17.68 -8.45
CA THR A 64 7.60 18.99 -8.65
C THR A 64 6.68 19.91 -9.42
N LEU A 65 6.19 19.44 -10.57
CA LEU A 65 5.36 20.31 -11.41
C LEU A 65 4.01 20.60 -10.75
N GLY A 66 3.54 19.74 -9.85
CA GLY A 66 2.31 19.87 -9.10
C GLY A 66 2.44 20.64 -7.79
N GLY A 67 3.62 21.12 -7.45
CA GLY A 67 3.81 21.86 -6.23
C GLY A 67 3.79 21.06 -4.94
N GLY A 68 3.97 19.74 -5.03
CA GLY A 68 3.93 18.87 -3.84
C GLY A 68 5.31 18.51 -3.32
N ILE A 69 6.37 19.10 -3.88
CA ILE A 69 7.78 18.78 -3.50
C ILE A 69 8.29 19.79 -2.45
N ASP A 70 8.67 19.33 -1.26
CA ASP A 70 9.21 20.29 -0.26
C ASP A 70 10.54 20.77 -0.83
N PRO A 71 10.79 22.09 -0.92
CA PRO A 71 12.01 22.57 -1.54
C PRO A 71 13.24 22.07 -0.79
N ASP A 72 13.18 22.09 0.54
CA ASP A 72 14.35 21.66 1.35
C ASP A 72 14.69 20.21 1.04
N ARG A 73 13.67 19.34 1.00
CA ARG A 73 13.93 17.89 0.75
C ARG A 73 14.55 17.69 -0.63
N GLY A 74 13.97 18.32 -1.66
CA GLY A 74 14.42 18.27 -3.07
C GLY A 74 13.70 17.17 -3.86
N TRP A 75 13.15 16.20 -3.15
CA TRP A 75 12.36 15.07 -3.70
C TRP A 75 11.42 14.58 -2.60
N GLY A 76 10.28 13.99 -2.97
CA GLY A 76 9.31 13.48 -1.98
C GLY A 76 8.34 14.55 -1.51
N HIS A 77 7.29 14.14 -0.80
CA HIS A 77 6.26 15.09 -0.33
C HIS A 77 6.79 16.01 0.77
N ARG A 78 6.21 17.21 0.86
CA ARG A 78 6.49 18.15 1.97
C ARG A 78 5.67 17.67 3.17
N ASN A 79 6.13 17.94 4.40
CA ASN A 79 5.46 17.49 5.65
C ASN A 79 5.29 15.97 5.59
N GLU A 80 6.35 15.26 5.21
CA GLU A 80 6.32 13.79 5.05
C GLU A 80 6.66 13.10 6.37
N THR A 81 5.89 12.07 6.69
CA THR A 81 6.15 11.22 7.86
C THR A 81 6.71 9.88 7.37
N TRP A 82 7.39 9.15 8.26
CA TRP A 82 8.01 7.83 7.94
C TRP A 82 7.54 6.79 8.95
N ASN A 83 6.30 6.91 9.41
CA ASN A 83 5.71 6.00 10.43
C ASN A 83 5.59 4.58 9.87
N ALA A 84 5.01 4.43 8.69
CA ALA A 84 4.87 3.11 8.09
C ALA A 84 6.23 2.46 7.92
N LYS A 85 7.22 3.25 7.51
CA LYS A 85 8.58 2.74 7.38
C LYS A 85 9.09 2.27 8.73
N GLU A 86 8.86 3.05 9.77
CA GLU A 86 9.31 2.64 11.09
C GLU A 86 8.66 1.32 11.48
N GLU A 87 7.38 1.17 11.21
CA GLU A 87 6.68 -0.07 11.48
C GLU A 87 7.25 -1.21 10.62
N LEU A 88 7.54 -0.92 9.36
CA LEU A 88 8.14 -1.96 8.54
C LEU A 88 9.41 -2.45 9.20
N ALA A 89 10.19 -1.52 9.76
CA ALA A 89 11.41 -1.89 10.46
C ALA A 89 11.12 -2.73 11.71
N ALA A 90 10.11 -2.35 12.49
CA ALA A 90 9.75 -3.09 13.69
C ALA A 90 9.43 -4.54 13.36
N TYR A 91 8.88 -4.76 12.17
CA TYR A 91 8.55 -6.11 11.74
C TYR A 91 9.79 -6.91 11.29
N GLY A 92 10.95 -6.29 11.12
CA GLY A 92 12.10 -7.10 10.73
C GLY A 92 12.22 -7.39 9.24
N VAL A 93 11.52 -6.63 8.41
CA VAL A 93 11.45 -6.90 6.98
C VAL A 93 12.58 -6.23 6.19
N GLN A 94 12.87 -6.83 5.04
CA GLN A 94 13.84 -6.42 4.05
C GLN A 94 13.13 -6.06 2.76
N PRO A 95 13.56 -5.01 2.07
CA PRO A 95 14.81 -4.34 2.38
C PRO A 95 14.62 -3.22 3.37
N ASP A 96 15.53 -3.10 4.32
CA ASP A 96 15.41 -2.04 5.32
C ASP A 96 16.15 -0.76 4.93
N TRP A 97 16.86 -0.76 3.78
CA TRP A 97 17.65 0.36 3.28
C TRP A 97 16.82 1.36 2.48
N PHE A 98 15.58 1.02 2.15
CA PHE A 98 14.78 1.82 1.26
C PHE A 98 13.54 2.35 1.98
N GLY A 99 13.52 3.66 2.19
CA GLY A 99 12.46 4.33 2.89
C GLY A 99 11.29 4.69 2.00
N LEU A 100 10.10 4.26 2.39
CA LEU A 100 8.86 4.65 1.76
C LEU A 100 8.15 5.63 2.70
N GLY A 101 7.89 6.85 2.20
CA GLY A 101 7.17 7.83 2.99
C GLY A 101 5.68 7.56 3.04
N ASP A 102 5.05 8.03 4.11
CA ASP A 102 3.63 7.78 4.33
C ASP A 102 2.78 8.42 3.23
N ARG A 103 3.03 9.70 2.94
CA ARG A 103 2.29 10.42 1.88
C ARG A 103 2.63 9.78 0.54
N ASP A 104 3.91 9.45 0.35
CA ASP A 104 4.39 8.85 -0.87
C ASP A 104 3.77 7.45 -1.08
N LEU A 105 3.46 6.76 0.01
CA LEU A 105 2.91 5.41 -0.11
C LEU A 105 1.57 5.44 -0.82
N ALA A 106 0.77 6.49 -0.60
CA ALA A 106 -0.51 6.58 -1.28
C ALA A 106 -0.32 6.56 -2.80
N THR A 107 0.61 7.35 -3.31
CA THR A 107 0.86 7.27 -4.73
C THR A 107 1.15 5.82 -5.13
N HIS A 108 2.06 5.17 -4.41
CA HIS A 108 2.44 3.81 -4.80
C HIS A 108 1.27 2.86 -4.66
N LEU A 109 0.44 3.03 -3.63
CA LEU A 109 -0.69 2.11 -3.47
C LEU A 109 -1.66 2.25 -4.65
N VAL A 110 -1.96 3.49 -5.07
CA VAL A 110 -2.91 3.69 -6.16
C VAL A 110 -2.33 3.15 -7.46
N ARG A 111 -1.07 3.49 -7.74
CA ARG A 111 -0.45 2.97 -8.94
C ARG A 111 -0.44 1.44 -8.95
N SER A 112 -0.10 0.83 -7.81
CA SER A 112 0.01 -0.63 -7.78
C SER A 112 -1.34 -1.30 -8.01
N GLN A 113 -2.38 -0.77 -7.37
CA GLN A 113 -3.72 -1.31 -7.54
C GLN A 113 -4.14 -1.24 -9.01
N MET A 114 -3.83 -0.13 -9.67
CA MET A 114 -4.27 0.06 -11.04
C MET A 114 -3.48 -0.83 -12.00
N LEU A 115 -2.16 -0.90 -11.82
CA LEU A 115 -1.34 -1.72 -12.69
C LEU A 115 -1.77 -3.18 -12.60
N ARG A 116 -2.07 -3.66 -11.37
CA ARG A 116 -2.50 -5.04 -11.14
C ARG A 116 -3.88 -5.30 -11.72
N ALA A 117 -4.66 -4.25 -11.93
CA ALA A 117 -5.97 -4.42 -12.52
C ALA A 117 -5.96 -4.37 -14.04
N GLY A 118 -4.77 -4.24 -14.65
CA GLY A 118 -4.65 -4.17 -16.08
C GLY A 118 -4.49 -2.79 -16.69
N TYR A 119 -4.38 -1.75 -15.89
CA TYR A 119 -4.16 -0.42 -16.44
C TYR A 119 -2.70 -0.25 -16.80
N PRO A 120 -2.36 0.26 -17.98
CA PRO A 120 -0.95 0.55 -18.28
C PRO A 120 -0.44 1.77 -17.53
N LEU A 121 0.88 1.81 -17.41
CA LEU A 121 1.54 2.87 -16.64
C LEU A 121 1.18 4.25 -17.20
N SER A 122 1.05 4.36 -18.51
CA SER A 122 0.68 5.65 -19.08
C SER A 122 -0.68 6.09 -18.57
N GLN A 123 -1.65 5.17 -18.51
CA GLN A 123 -2.97 5.50 -17.96
C GLN A 123 -2.89 5.75 -16.45
N VAL A 124 -2.06 4.99 -15.74
CA VAL A 124 -1.94 5.26 -14.32
C VAL A 124 -1.40 6.66 -14.10
N THR A 125 -0.39 7.04 -14.88
CA THR A 125 0.22 8.35 -14.71
C THR A 125 -0.78 9.48 -14.95
N GLU A 126 -1.59 9.36 -16.00
CA GLU A 126 -2.59 10.39 -16.25
C GLU A 126 -3.58 10.45 -15.11
N ALA A 127 -3.99 9.28 -14.63
CA ALA A 127 -4.92 9.25 -13.52
C ALA A 127 -4.33 10.02 -12.34
N LEU A 128 -3.06 9.77 -12.02
CA LEU A 128 -2.41 10.48 -10.92
C LEU A 128 -2.26 11.96 -11.21
N CYS A 129 -2.02 12.31 -12.47
CA CYS A 129 -1.79 13.70 -12.82
C CYS A 129 -3.08 14.53 -12.81
N LYS A 130 -4.25 13.89 -12.84
CA LYS A 130 -5.49 14.63 -12.68
C LYS A 130 -5.55 15.34 -11.34
N ARG A 131 -5.01 14.72 -10.30
CA ARG A 131 -4.90 15.42 -9.02
C ARG A 131 -3.83 16.50 -9.08
N TRP A 132 -2.63 16.14 -9.53
CA TRP A 132 -1.50 17.05 -9.43
C TRP A 132 -1.54 18.20 -10.43
N GLN A 133 -2.19 18.03 -11.58
CA GLN A 133 -2.25 19.06 -12.61
C GLN A 133 -0.86 19.64 -12.91
N PRO A 134 0.07 18.82 -13.40
CA PRO A 134 1.45 19.31 -13.59
C PRO A 134 1.62 20.34 -14.69
N GLY A 135 0.67 20.45 -15.63
CA GLY A 135 0.81 21.43 -16.68
C GLY A 135 1.71 20.99 -17.80
N ALA A 136 2.01 19.70 -17.85
CA ALA A 136 2.80 19.06 -18.88
C ALA A 136 2.30 17.62 -19.01
N ARG A 137 2.62 17.00 -20.11
CA ARG A 137 2.26 15.60 -20.38
C ARG A 137 3.47 14.74 -20.00
N LEU A 138 3.32 13.93 -18.96
CA LEU A 138 4.40 13.09 -18.45
C LEU A 138 4.23 11.70 -19.07
N LEU A 139 5.02 11.40 -20.10
CA LEU A 139 4.95 10.13 -20.81
C LEU A 139 5.99 9.16 -20.29
N PRO A 140 5.61 8.04 -19.68
CA PRO A 140 6.62 7.04 -19.34
C PRO A 140 7.28 6.52 -20.61
N ALA A 141 8.62 6.42 -20.60
CA ALA A 141 9.32 6.02 -21.83
C ALA A 141 8.79 4.71 -22.38
N SER A 142 8.30 3.82 -21.52
CA SER A 142 7.59 2.63 -21.95
C SER A 142 6.59 2.26 -20.88
N ASP A 143 5.54 1.56 -21.31
CA ASP A 143 4.61 0.92 -20.42
C ASP A 143 5.07 -0.47 -20.06
N GLU A 144 6.13 -0.94 -20.70
CA GLU A 144 6.68 -2.29 -20.38
C GLU A 144 7.86 -2.12 -19.43
N ARG A 145 8.24 -3.19 -18.75
CA ARG A 145 9.33 -3.10 -17.79
C ARG A 145 10.68 -2.96 -18.50
N SER A 146 11.47 -1.99 -18.07
CA SER A 146 12.81 -1.78 -18.60
C SER A 146 13.65 -1.18 -17.46
N GLU A 147 14.27 -2.06 -16.68
CA GLU A 147 14.93 -1.71 -15.41
C GLU A 147 16.45 -1.79 -15.52
N THR A 148 17.10 -0.73 -15.05
CA THR A 148 18.56 -0.61 -15.04
C THR A 148 19.16 -1.49 -13.93
N HIS A 149 20.06 -2.40 -14.32
CA HIS A 149 20.76 -3.24 -13.36
C HIS A 149 22.25 -2.91 -13.33
N VAL A 150 22.88 -3.18 -12.19
CA VAL A 150 24.28 -2.83 -11.97
C VAL A 150 25.10 -4.08 -11.64
N VAL A 151 26.24 -4.24 -12.32
CA VAL A 151 27.18 -5.31 -12.01
C VAL A 151 28.24 -4.79 -11.06
N ILE A 152 28.29 -5.35 -9.85
CA ILE A 152 29.19 -4.92 -8.79
C ILE A 152 30.02 -6.11 -8.31
N THR A 153 31.04 -5.80 -7.52
CA THR A 153 31.67 -6.79 -6.62
C THR A 153 30.99 -6.67 -5.26
N ASP A 154 30.25 -7.70 -4.87
CA ASP A 154 29.55 -7.69 -3.58
C ASP A 154 30.59 -7.65 -2.47
N PRO A 155 30.53 -6.69 -1.55
CA PRO A 155 31.58 -6.59 -0.51
C PRO A 155 31.46 -7.65 0.57
N THR A 156 30.32 -8.35 0.68
CA THR A 156 30.19 -9.37 1.70
C THR A 156 30.83 -10.70 1.31
N ASP A 157 31.03 -10.99 0.02
CA ASP A 157 31.70 -12.23 -0.33
C ASP A 157 32.71 -12.13 -1.48
N GLY A 158 32.91 -10.94 -2.05
CA GLY A 158 33.88 -10.79 -3.13
C GLY A 158 33.39 -11.30 -4.48
N GLU A 159 32.13 -11.70 -4.57
CA GLU A 159 31.56 -12.27 -5.78
C GLU A 159 30.93 -11.17 -6.65
N ARG A 160 31.04 -11.34 -7.95
CA ARG A 160 30.28 -10.48 -8.85
C ARG A 160 28.80 -10.79 -8.71
N ARG A 161 27.99 -9.74 -8.64
CA ARG A 161 26.54 -9.85 -8.58
C ARG A 161 25.94 -8.71 -9.37
N ALA A 162 24.81 -8.98 -10.01
CA ALA A 162 23.99 -7.93 -10.55
C ALA A 162 22.93 -7.52 -9.51
N ILE A 163 22.72 -6.22 -9.36
CA ILE A 163 21.72 -5.66 -8.48
C ILE A 163 20.90 -4.61 -9.23
N HIS A 164 19.65 -4.44 -8.81
CA HIS A 164 18.83 -3.37 -9.32
C HIS A 164 19.45 -2.01 -9.02
N PHE A 165 19.38 -1.06 -9.95
CA PHE A 165 19.77 0.35 -9.72
C PHE A 165 19.35 0.86 -8.34
N GLN A 166 18.18 0.50 -7.80
CA GLN A 166 17.78 1.04 -6.50
C GLN A 166 18.74 0.61 -5.40
N GLU A 167 19.18 -0.66 -5.42
CA GLU A 167 20.15 -1.08 -4.43
C GLU A 167 21.49 -0.39 -4.66
N TRP A 168 21.89 -0.22 -5.92
CA TRP A 168 23.17 0.41 -6.20
C TRP A 168 23.17 1.85 -5.73
N TRP A 169 22.10 2.56 -6.02
CA TRP A 169 21.97 4.01 -5.76
C TRP A 169 21.59 4.30 -4.32
N VAL A 170 20.57 3.63 -3.79
CA VAL A 170 20.08 3.95 -2.45
C VAL A 170 20.88 3.23 -1.38
N ARG A 171 21.26 1.97 -1.63
CA ARG A 171 21.84 1.21 -0.52
C ARG A 171 23.34 1.43 -0.43
N TYR A 172 24.04 1.25 -1.54
CA TYR A 172 25.48 1.40 -1.56
C TYR A 172 25.91 2.81 -1.96
N ARG A 173 25.02 3.57 -2.59
CA ARG A 173 25.34 4.93 -3.01
C ARG A 173 26.52 4.94 -3.98
N ALA A 174 26.58 3.94 -4.86
CA ALA A 174 27.60 3.87 -5.91
C ALA A 174 29.03 3.74 -5.34
N LYS A 175 29.17 3.31 -4.09
CA LYS A 175 30.47 3.27 -3.42
C LYS A 175 31.05 1.87 -3.36
N VAL A 176 30.36 0.91 -3.95
CA VAL A 176 30.85 -0.45 -4.14
C VAL A 176 31.59 -0.50 -5.47
N PRO A 177 32.57 -1.40 -5.67
CA PRO A 177 33.15 -1.55 -7.01
C PRO A 177 32.05 -1.83 -8.02
N THR A 178 32.07 -1.10 -9.13
CA THR A 178 31.00 -1.19 -10.12
C THR A 178 31.59 -1.40 -11.51
N HIS A 179 31.10 -2.44 -12.19
CA HIS A 179 31.76 -2.93 -13.39
C HIS A 179 30.99 -2.60 -14.67
N SER A 180 29.67 -2.70 -14.65
CA SER A 180 28.90 -2.35 -15.85
C SER A 180 27.44 -2.14 -15.48
N PHE A 181 26.69 -1.57 -16.42
CA PHE A 181 25.24 -1.45 -16.35
C PHE A 181 24.62 -2.42 -17.33
N ALA A 182 23.43 -2.91 -17.00
CA ALA A 182 22.66 -3.72 -17.94
C ALA A 182 21.26 -3.16 -18.04
N TYR A 183 20.75 -3.01 -19.26
CA TYR A 183 19.41 -2.47 -19.44
C TYR A 183 18.48 -3.64 -19.70
N VAL A 184 18.16 -4.32 -18.60
CA VAL A 184 17.37 -5.56 -18.64
C VAL A 184 15.95 -5.17 -19.01
N GLY A 185 15.51 -5.67 -20.16
CA GLY A 185 14.17 -5.45 -20.71
C GLY A 185 14.07 -4.35 -21.77
N ALA A 186 15.12 -3.57 -21.99
CA ALA A 186 15.05 -2.44 -22.96
C ALA A 186 14.75 -2.94 -24.38
N ASP A 187 15.40 -4.01 -24.82
CA ASP A 187 15.17 -4.58 -26.18
C ASP A 187 13.75 -5.14 -26.30
N GLN A 188 13.17 -5.62 -25.21
CA GLN A 188 11.79 -6.16 -25.25
C GLN A 188 10.76 -5.06 -24.94
N ALA A 189 11.16 -3.82 -24.69
CA ALA A 189 10.16 -2.80 -24.30
C ALA A 189 9.73 -1.91 -25.46
N THR A 190 8.42 -1.84 -25.69
CA THR A 190 7.88 -0.96 -26.77
C THR A 190 7.82 0.48 -26.25
N ALA A 191 8.09 1.44 -27.11
CA ALA A 191 7.94 2.86 -26.78
C ALA A 191 6.52 3.17 -26.32
N GLY A 192 6.42 3.88 -25.21
CA GLY A 192 5.14 4.16 -24.61
C GLY A 192 4.23 4.99 -25.48
N PRO A 193 2.92 4.88 -25.26
CA PRO A 193 1.96 5.61 -26.11
C PRO A 193 2.28 7.09 -26.22
N GLY A 194 2.31 7.56 -27.46
CA GLY A 194 2.55 8.97 -27.82
C GLY A 194 4.00 9.37 -27.73
N VAL A 195 4.88 8.50 -27.21
CA VAL A 195 6.31 8.89 -27.07
C VAL A 195 6.94 9.13 -28.45
N VAL A 196 6.72 8.21 -29.41
CA VAL A 196 7.32 8.35 -30.77
C VAL A 196 6.74 9.59 -31.46
N GLU A 197 5.43 9.79 -31.33
CA GLU A 197 4.72 10.95 -31.94
C GLU A 197 5.22 12.25 -31.31
N ALA A 198 5.40 12.26 -29.99
CA ALA A 198 5.87 13.48 -29.29
C ALA A 198 7.24 13.87 -29.85
N ILE A 199 8.11 12.90 -30.06
CA ILE A 199 9.45 13.17 -30.64
C ILE A 199 9.28 13.63 -32.10
N GLY A 200 8.39 12.97 -32.85
CA GLY A 200 8.14 13.28 -34.27
C GLY A 200 7.46 14.62 -34.56
N ASP A 201 6.41 14.96 -33.81
CA ASP A 201 5.61 16.20 -34.08
C ASP A 201 6.19 17.38 -33.31
N ALA A 202 7.27 17.19 -32.59
CA ALA A 202 7.81 18.32 -31.81
C ALA A 202 8.42 19.41 -32.70
N ASP A 203 8.36 20.65 -32.24
CA ASP A 203 9.15 21.67 -32.93
C ASP A 203 10.61 21.59 -32.51
N ILE A 204 10.88 21.09 -31.31
CA ILE A 204 12.24 20.96 -30.81
C ILE A 204 12.23 19.86 -29.74
N VAL A 205 13.31 19.09 -29.69
CA VAL A 205 13.51 18.06 -28.68
C VAL A 205 14.69 18.47 -27.82
N LEU A 206 14.44 18.53 -26.53
CA LEU A 206 15.49 18.97 -25.58
C LEU A 206 15.94 17.80 -24.72
N LEU A 207 17.25 17.57 -24.68
CA LEU A 207 17.79 16.55 -23.77
C LEU A 207 18.12 17.34 -22.51
N ALA A 208 17.39 17.09 -21.42
CA ALA A 208 17.62 17.85 -20.17
C ALA A 208 18.96 17.42 -19.56
N PRO A 209 19.61 18.22 -18.70
CA PRO A 209 20.89 17.80 -18.14
C PRO A 209 20.75 16.86 -16.93
N SER A 210 20.12 15.70 -17.13
CA SER A 210 19.90 14.64 -16.12
C SER A 210 21.10 13.68 -16.17
N ASN A 211 21.07 12.61 -15.37
CA ASN A 211 22.21 11.68 -15.45
C ASN A 211 22.23 11.13 -16.87
N PRO A 212 23.37 11.18 -17.59
CA PRO A 212 23.45 10.69 -18.95
C PRO A 212 23.45 9.16 -19.00
N VAL A 213 24.06 8.51 -18.00
CA VAL A 213 24.14 7.06 -18.04
C VAL A 213 22.84 6.43 -17.55
N VAL A 214 22.25 6.96 -16.47
CA VAL A 214 21.18 6.26 -15.78
C VAL A 214 19.85 6.99 -15.85
N SER A 215 19.81 8.19 -16.45
CA SER A 215 18.56 8.91 -16.64
C SER A 215 18.21 9.04 -18.12
N ILE A 216 19.05 9.73 -18.89
CA ILE A 216 18.76 9.88 -20.31
C ILE A 216 19.05 8.58 -21.06
N GLY A 217 20.26 8.04 -20.88
CA GLY A 217 20.69 6.81 -21.51
C GLY A 217 19.66 5.72 -21.53
N PRO A 218 19.11 5.36 -20.36
CA PRO A 218 18.10 4.29 -20.34
C PRO A 218 16.89 4.56 -21.21
N ILE A 219 16.47 5.83 -21.37
CA ILE A 219 15.45 6.14 -22.37
C ILE A 219 15.89 5.72 -23.76
N LEU A 220 17.15 6.03 -24.11
CA LEU A 220 17.67 5.81 -25.45
C LEU A 220 17.84 4.33 -25.80
N GLN A 221 17.85 3.46 -24.79
CA GLN A 221 17.92 2.02 -25.02
C GLN A 221 16.58 1.42 -25.42
N ILE A 222 15.48 2.14 -25.24
CA ILE A 222 14.18 1.66 -25.71
C ILE A 222 14.25 1.74 -27.23
N PRO A 223 14.19 0.62 -27.95
CA PRO A 223 14.46 0.67 -29.41
C PRO A 223 13.71 1.74 -30.17
N GLY A 224 12.42 1.94 -29.91
CA GLY A 224 11.70 2.94 -30.69
C GLY A 224 12.18 4.36 -30.44
N ILE A 225 12.55 4.67 -29.19
CA ILE A 225 12.90 6.03 -28.85
C ILE A 225 14.11 6.50 -29.65
N ARG A 226 15.17 5.70 -29.65
CA ARG A 226 16.37 6.11 -30.38
C ARG A 226 16.06 6.35 -31.86
N GLY A 227 15.25 5.48 -32.47
CA GLY A 227 14.92 5.66 -33.87
C GLY A 227 14.22 6.98 -34.13
N ALA A 228 13.23 7.30 -33.29
CA ALA A 228 12.52 8.56 -33.50
C ALA A 228 13.45 9.76 -33.40
N LEU A 229 14.45 9.71 -32.52
CA LEU A 229 15.29 10.90 -32.31
C LEU A 229 16.21 11.17 -33.48
N ARG A 230 16.67 10.15 -34.17
CA ARG A 230 17.48 10.38 -35.35
C ARG A 230 16.63 10.56 -36.60
N SER A 231 15.33 10.30 -36.50
CA SER A 231 14.39 10.36 -37.60
C SER A 231 13.58 11.64 -37.63
N THR A 232 13.42 12.33 -36.52
CA THR A 232 12.45 13.43 -36.42
C THR A 232 12.93 14.68 -37.13
N SER A 233 11.98 15.41 -37.71
CA SER A 233 12.25 16.72 -38.29
C SER A 233 12.71 17.76 -37.26
N ALA A 234 12.46 17.54 -35.95
CA ALA A 234 12.79 18.54 -34.93
C ALA A 234 14.29 18.59 -34.66
N PRO A 235 14.87 19.78 -34.45
CA PRO A 235 16.23 19.86 -33.95
C PRO A 235 16.33 19.24 -32.54
N VAL A 236 17.42 18.53 -32.28
CA VAL A 236 17.62 17.86 -30.99
C VAL A 236 18.75 18.56 -30.24
N ILE A 237 18.40 19.26 -29.15
CA ILE A 237 19.34 20.09 -28.39
C ILE A 237 19.60 19.45 -27.05
N GLY A 238 20.87 19.18 -26.74
CA GLY A 238 21.19 18.56 -25.45
C GLY A 238 21.88 19.52 -24.51
N TYR A 239 21.74 19.28 -23.21
CA TYR A 239 22.39 20.10 -22.16
C TYR A 239 23.37 19.21 -21.40
N SER A 240 24.65 19.62 -21.30
CA SER A 240 25.64 18.79 -20.58
C SER A 240 25.31 18.80 -19.09
N PRO A 241 25.33 17.63 -18.42
CA PRO A 241 25.01 17.55 -17.01
C PRO A 241 26.25 17.74 -16.12
N ILE A 242 27.40 17.98 -16.74
CA ILE A 242 28.70 18.14 -16.01
C ILE A 242 29.14 19.61 -16.02
N ILE A 243 29.23 20.25 -14.85
CA ILE A 243 29.77 21.64 -14.86
C ILE A 243 31.22 21.55 -14.41
N ALA A 244 32.16 21.67 -15.35
CA ALA A 244 33.61 21.52 -15.11
C ALA A 244 34.06 22.20 -13.81
N GLY A 245 34.68 21.42 -12.92
CA GLY A 245 35.18 21.93 -11.66
C GLY A 245 34.11 22.30 -10.67
N LYS A 246 32.85 22.17 -11.08
CA LYS A 246 31.73 22.49 -10.15
C LYS A 246 30.99 21.19 -9.87
N PRO A 247 31.29 20.48 -8.77
CA PRO A 247 30.59 19.25 -8.46
C PRO A 247 29.10 19.59 -8.33
N LEU A 248 28.26 18.79 -8.98
CA LEU A 248 26.79 19.01 -8.93
C LEU A 248 26.19 17.87 -8.14
N ARG A 249 25.04 18.11 -7.51
CA ARG A 249 24.39 17.06 -6.68
C ARG A 249 24.06 15.86 -7.57
N GLY A 250 24.29 14.65 -7.06
CA GLY A 250 24.03 13.43 -7.83
C GLY A 250 25.32 12.66 -8.07
N MET A 251 25.23 11.55 -8.81
CA MET A 251 26.44 10.73 -9.04
C MET A 251 26.68 10.53 -10.55
N ALA A 252 26.59 11.60 -11.33
CA ALA A 252 26.91 11.50 -12.75
C ALA A 252 28.39 11.20 -12.98
N ASP A 253 29.27 11.72 -12.11
CA ASP A 253 30.69 11.42 -12.24
C ASP A 253 30.97 9.93 -12.03
N GLU A 254 30.26 9.30 -11.08
CA GLU A 254 30.46 7.86 -10.85
C GLU A 254 29.91 7.02 -12.01
N CYS A 255 28.75 7.41 -12.57
CA CYS A 255 28.17 6.58 -13.62
C CYS A 255 28.92 6.72 -14.92
N LEU A 256 29.51 7.89 -15.15
CA LEU A 256 30.29 8.06 -16.40
C LEU A 256 31.56 7.23 -16.31
N LYS A 257 32.19 7.16 -15.14
CA LYS A 257 33.46 6.45 -15.03
C LYS A 257 33.26 4.96 -15.25
N VAL A 258 32.10 4.43 -14.88
CA VAL A 258 31.83 3.02 -15.12
C VAL A 258 31.91 2.70 -16.61
N ILE A 259 31.32 3.54 -17.45
CA ILE A 259 31.27 3.20 -18.87
C ILE A 259 32.53 3.71 -19.56
N GLY A 260 33.50 4.17 -18.78
CA GLY A 260 34.76 4.62 -19.33
C GLY A 260 34.72 5.96 -20.02
N VAL A 261 33.71 6.77 -19.72
CA VAL A 261 33.53 8.09 -20.32
C VAL A 261 34.09 9.12 -19.37
N GLU A 262 34.87 10.06 -19.90
CA GLU A 262 35.41 11.14 -19.08
C GLU A 262 34.31 12.04 -18.57
N SER A 263 34.57 12.69 -17.43
CA SER A 263 33.57 13.59 -16.79
C SER A 263 33.76 15.03 -17.27
N THR A 264 33.68 15.25 -18.58
CA THR A 264 33.81 16.61 -19.14
C THR A 264 32.60 16.86 -20.04
N SER A 265 32.27 18.13 -20.27
CA SER A 265 31.12 18.48 -21.13
C SER A 265 31.35 17.93 -22.54
N GLN A 266 32.58 18.02 -23.06
CA GLN A 266 32.87 17.50 -24.41
C GLN A 266 32.62 15.98 -24.44
N ALA A 267 33.03 15.27 -23.40
CA ALA A 267 32.92 13.79 -23.37
C ALA A 267 31.46 13.31 -23.40
N VAL A 268 30.59 13.91 -22.59
CA VAL A 268 29.16 13.52 -22.57
C VAL A 268 28.55 13.79 -23.94
N GLY A 269 28.89 14.94 -24.55
CA GLY A 269 28.38 15.26 -25.90
C GLY A 269 28.74 14.16 -26.85
N GLU A 270 30.01 13.74 -26.79
CA GLU A 270 30.50 12.66 -27.67
C GLU A 270 29.70 11.39 -27.37
N PHE A 271 29.39 11.16 -26.09
CA PHE A 271 28.63 9.97 -25.73
C PHE A 271 27.31 9.95 -26.49
N PHE A 272 26.57 11.07 -26.45
CA PHE A 272 25.30 11.16 -27.17
C PHE A 272 25.53 11.18 -28.68
N GLY A 273 26.60 11.84 -29.13
CA GLY A 273 26.99 11.81 -30.51
C GLY A 273 26.17 12.71 -31.41
N ALA A 274 26.71 12.94 -32.60
CA ALA A 274 26.12 13.89 -33.57
C ALA A 274 25.21 13.20 -34.57
N ARG A 275 24.02 13.76 -34.77
CA ARG A 275 23.05 13.29 -35.76
C ARG A 275 23.64 13.24 -37.16
N ALA A 276 24.58 14.15 -37.47
CA ALA A 276 25.24 14.07 -38.76
C ALA A 276 25.87 12.70 -38.97
N GLY A 277 26.33 12.06 -37.91
CA GLY A 277 26.93 10.74 -38.02
C GLY A 277 26.09 9.59 -37.52
N THR A 278 26.51 9.04 -36.38
CA THR A 278 25.82 7.95 -35.72
C THR A 278 25.00 8.43 -34.52
N GLY A 279 25.08 9.72 -34.16
CA GLY A 279 24.55 10.23 -32.91
C GLY A 279 23.13 10.78 -32.92
N LEU A 280 22.82 11.49 -31.84
CA LEU A 280 21.49 11.97 -31.60
C LEU A 280 21.37 13.48 -31.63
N LEU A 281 22.49 14.20 -31.53
CA LEU A 281 22.47 15.63 -31.25
C LEU A 281 22.59 16.47 -32.52
N ASP A 282 21.86 17.58 -32.51
CA ASP A 282 22.09 18.69 -33.43
C ASP A 282 22.83 19.83 -32.74
N GLY A 283 22.49 20.10 -31.49
CA GLY A 283 23.14 21.13 -30.72
C GLY A 283 23.51 20.62 -29.34
N TRP A 284 24.48 21.27 -28.72
CA TRP A 284 24.98 20.85 -27.38
C TRP A 284 25.32 22.10 -26.57
N LEU A 285 24.67 22.33 -25.43
CA LEU A 285 24.95 23.55 -24.65
C LEU A 285 25.79 23.20 -23.41
N VAL A 286 26.88 23.93 -23.21
CA VAL A 286 27.75 23.73 -22.02
C VAL A 286 27.81 25.05 -21.24
N HIS A 287 28.23 24.99 -19.98
CA HIS A 287 28.31 26.15 -19.11
C HIS A 287 29.35 27.16 -19.59
N GLU A 288 29.02 28.45 -19.37
CA GLU A 288 29.92 29.54 -19.71
C GLU A 288 31.32 29.29 -19.19
N GLY A 289 32.30 29.37 -20.09
CA GLY A 289 33.68 29.09 -19.77
C GLY A 289 34.16 27.76 -20.28
N ASP A 290 33.24 26.82 -20.45
CA ASP A 290 33.62 25.48 -20.93
C ASP A 290 33.89 25.55 -22.44
N HIS A 291 34.80 24.71 -22.94
CA HIS A 291 35.12 24.67 -24.39
C HIS A 291 34.88 23.25 -24.88
N ALA A 292 34.18 23.09 -26.00
CA ALA A 292 33.90 21.74 -26.51
C ALA A 292 33.75 21.79 -28.02
N GLN A 293 33.82 20.64 -28.67
CA GLN A 293 33.70 20.60 -30.14
C GLN A 293 33.38 19.18 -30.56
N ILE A 294 32.26 18.99 -31.23
CA ILE A 294 31.87 17.66 -31.77
C ILE A 294 31.63 17.87 -33.26
N GLU A 295 32.32 17.12 -34.12
CA GLU A 295 32.20 17.30 -35.58
C GLU A 295 30.72 17.08 -35.93
N GLY A 296 30.11 18.06 -36.60
CA GLY A 296 28.67 18.00 -36.94
C GLY A 296 27.79 18.46 -35.78
N VAL A 297 28.36 19.09 -34.76
CA VAL A 297 27.51 19.51 -33.60
C VAL A 297 27.69 20.98 -33.25
N LYS A 298 26.60 21.75 -33.28
CA LYS A 298 26.69 23.17 -32.92
C LYS A 298 26.82 23.28 -31.40
N VAL A 299 27.96 23.78 -30.93
CA VAL A 299 28.21 23.88 -29.49
C VAL A 299 28.23 25.34 -29.10
N LYS A 300 27.56 25.66 -27.99
CA LYS A 300 27.53 27.02 -27.46
C LYS A 300 27.61 26.94 -25.94
N ALA A 301 28.48 27.76 -25.35
CA ALA A 301 28.58 27.89 -23.91
C ALA A 301 27.62 28.98 -23.42
N VAL A 302 26.83 28.65 -22.41
CA VAL A 302 25.84 29.59 -21.85
C VAL A 302 25.74 29.33 -20.35
N PRO A 303 25.17 30.24 -19.58
CA PRO A 303 24.94 29.95 -18.15
C PRO A 303 24.04 28.73 -18.03
N LEU A 304 24.53 27.71 -17.31
CA LEU A 304 23.85 26.39 -17.25
C LEU A 304 23.51 25.94 -15.83
N LEU A 305 23.18 26.87 -14.94
CA LEU A 305 22.85 26.51 -13.55
C LEU A 305 21.33 26.63 -13.38
N MET A 306 20.66 25.59 -12.89
CA MET A 306 19.20 25.64 -12.65
C MET A 306 18.94 26.13 -11.22
N THR A 307 19.39 27.35 -10.91
CA THR A 307 19.27 27.99 -9.58
C THR A 307 17.79 28.27 -9.32
N ASP A 308 17.06 28.64 -10.36
CA ASP A 308 15.63 28.89 -10.17
C ASP A 308 14.96 28.82 -11.52
N PRO A 309 13.63 28.72 -11.55
CA PRO A 309 12.95 28.61 -12.84
C PRO A 309 13.32 29.70 -13.83
N GLU A 310 13.65 30.91 -13.39
CA GLU A 310 13.98 31.95 -14.38
C GLU A 310 15.33 31.70 -15.03
N ALA A 311 16.35 31.35 -14.25
CA ALA A 311 17.62 31.01 -14.89
C ALA A 311 17.44 29.84 -15.85
N THR A 312 16.69 28.82 -15.42
CA THR A 312 16.44 27.69 -16.30
C THR A 312 15.66 28.13 -17.54
N ALA A 313 14.68 29.00 -17.36
CA ALA A 313 13.97 29.53 -18.53
C ALA A 313 14.96 30.09 -19.56
N ALA A 314 15.95 30.83 -19.09
CA ALA A 314 17.00 31.30 -20.00
C ALA A 314 17.67 30.12 -20.67
N MET A 315 17.99 29.09 -19.89
CA MET A 315 18.66 27.91 -20.44
C MET A 315 17.80 27.28 -21.55
N VAL A 316 16.49 27.26 -21.35
CA VAL A 316 15.61 26.76 -22.40
C VAL A 316 15.75 27.60 -23.67
N ARG A 317 15.66 28.93 -23.54
CA ARG A 317 15.76 29.78 -24.74
C ARG A 317 17.10 29.61 -25.44
N ALA A 318 18.19 29.48 -24.67
CA ALA A 318 19.47 29.25 -25.34
C ALA A 318 19.39 28.01 -26.20
N GLY A 319 18.58 27.02 -25.79
CA GLY A 319 18.36 25.87 -26.65
C GLY A 319 17.63 26.25 -27.92
N LEU A 320 16.51 26.96 -27.76
CA LEU A 320 15.71 27.39 -28.90
C LEU A 320 16.54 28.25 -29.87
N ASP A 321 17.36 29.15 -29.32
CA ASP A 321 18.17 29.99 -30.20
C ASP A 321 19.18 29.15 -30.96
N LEU A 322 19.87 28.25 -30.26
CA LEU A 322 20.88 27.47 -30.95
C LEU A 322 20.25 26.56 -31.99
N ALA A 323 19.01 26.15 -31.75
CA ALA A 323 18.29 25.36 -32.75
C ALA A 323 17.84 26.23 -33.92
N GLY A 324 17.43 27.46 -33.64
CA GLY A 324 16.86 28.31 -34.65
C GLY A 324 15.36 28.14 -34.64
N VAL A 325 14.78 28.05 -33.43
CA VAL A 325 13.38 27.76 -33.22
C VAL A 325 12.73 28.92 -32.50
N SER A 326 11.55 29.34 -32.97
CA SER A 326 10.72 30.29 -32.22
C SER A 326 9.33 29.72 -31.95
N MET B 1 -6.49 -28.16 29.71
CA MET B 1 -5.72 -26.94 29.73
C MET B 1 -5.88 -26.16 28.42
N LYS B 2 -6.97 -26.45 27.69
CA LYS B 2 -7.15 -26.00 26.30
C LYS B 2 -8.50 -25.32 26.17
N ILE B 3 -8.50 -24.05 25.77
CA ILE B 3 -9.70 -23.25 25.56
C ILE B 3 -9.76 -22.77 24.11
N THR B 4 -10.92 -22.89 23.47
CA THR B 4 -11.15 -22.37 22.12
C THR B 4 -12.28 -21.34 22.16
N VAL B 5 -12.01 -20.14 21.66
CA VAL B 5 -12.99 -19.07 21.63
C VAL B 5 -13.18 -18.62 20.18
N LEU B 6 -14.44 -18.46 19.78
CA LEU B 6 -14.77 -17.83 18.50
C LEU B 6 -14.94 -16.33 18.72
N VAL B 7 -14.24 -15.52 17.93
CA VAL B 7 -14.17 -14.07 18.17
C VAL B 7 -14.31 -13.27 16.89
N GLY B 8 -14.80 -12.03 17.04
CA GLY B 8 -14.68 -11.00 16.02
C GLY B 8 -14.83 -9.62 16.62
N GLY B 9 -14.14 -8.64 16.03
CA GLY B 9 -14.21 -7.26 16.49
C GLY B 9 -13.50 -6.94 17.81
N VAL B 10 -13.69 -5.69 18.24
CA VAL B 10 -13.10 -5.14 19.50
C VAL B 10 -13.58 -5.97 20.69
N GLY B 11 -14.85 -6.39 20.68
CA GLY B 11 -15.41 -7.19 21.77
C GLY B 11 -14.72 -8.53 21.91
N GLY B 12 -14.44 -9.19 20.79
CA GLY B 12 -13.75 -10.50 20.81
C GLY B 12 -12.35 -10.36 21.37
N ALA B 13 -11.63 -9.31 20.97
CA ALA B 13 -10.25 -9.10 21.47
C ALA B 13 -10.27 -8.85 22.98
N ARG B 14 -11.28 -8.13 23.48
CA ARG B 14 -11.45 -7.83 24.93
C ARG B 14 -11.75 -9.12 25.71
N PHE B 15 -12.56 -10.01 25.15
CA PHE B 15 -12.90 -11.30 25.81
C PHE B 15 -11.64 -12.18 25.94
N LEU B 16 -10.80 -12.21 24.90
CA LEU B 16 -9.55 -13.01 24.92
C LEU B 16 -8.62 -12.49 26.01
N LEU B 17 -8.59 -11.17 26.20
CA LEU B 17 -7.74 -10.55 27.26
C LEU B 17 -8.20 -11.10 28.62
N GLY B 18 -9.52 -11.20 28.84
CA GLY B 18 -10.07 -11.77 30.07
C GLY B 18 -9.62 -13.20 30.24
N VAL B 19 -9.69 -13.98 29.17
CA VAL B 19 -9.24 -15.37 29.16
C VAL B 19 -7.76 -15.44 29.52
N GLN B 20 -6.94 -14.59 28.90
CA GLN B 20 -5.50 -14.57 29.19
C GLN B 20 -5.24 -14.20 30.65
N ASN B 21 -5.98 -13.22 31.17
CA ASN B 21 -5.78 -12.79 32.55
C ASN B 21 -6.11 -13.92 33.51
N LEU B 22 -7.20 -14.65 33.24
CA LEU B 22 -7.58 -15.72 34.13
C LEU B 22 -6.52 -16.81 34.16
N LEU B 23 -5.92 -17.12 33.01
CA LEU B 23 -5.01 -18.25 32.86
C LEU B 23 -3.55 -17.83 32.81
N GLY B 24 -3.23 -16.61 33.21
CA GLY B 24 -1.86 -16.13 33.14
C GLY B 24 -1.19 -16.29 31.78
N LEU B 25 -1.80 -15.80 30.70
CA LEU B 25 -1.22 -15.90 29.38
C LEU B 25 -0.85 -14.52 28.84
N GLY B 26 0.00 -14.53 27.82
CA GLY B 26 0.38 -13.27 27.18
C GLY B 26 0.90 -12.27 28.18
N SER B 27 0.42 -11.04 28.09
CA SER B 27 0.95 -9.97 28.93
C SER B 27 0.72 -10.22 30.43
N PHE B 28 -0.22 -11.08 30.79
CA PHE B 28 -0.51 -11.35 32.20
C PHE B 28 0.29 -12.50 32.77
N ALA B 29 1.15 -13.12 31.98
CA ALA B 29 1.89 -14.27 32.44
C ALA B 29 2.91 -13.87 33.50
N ASP B 30 3.03 -14.68 34.55
CA ASP B 30 4.11 -14.45 35.52
C ASP B 30 5.23 -15.44 35.24
N GLY B 31 4.94 -16.75 35.34
CA GLY B 31 5.84 -17.75 34.83
C GLY B 31 5.13 -18.43 33.68
N PRO B 32 5.84 -19.25 32.91
CA PRO B 32 5.20 -19.91 31.75
C PRO B 32 4.06 -20.81 32.22
N SER B 33 2.91 -20.65 31.58
CA SER B 33 1.62 -21.10 32.06
C SER B 33 1.29 -22.56 31.73
N LYS B 34 0.17 -22.98 32.31
CA LYS B 34 -0.48 -24.29 32.24
C LYS B 34 -1.57 -24.39 31.17
N HIS B 35 -1.87 -23.32 30.46
CA HIS B 35 -3.00 -23.36 29.56
C HIS B 35 -2.61 -22.75 28.23
N GLU B 36 -3.29 -23.19 27.18
CA GLU B 36 -3.15 -22.60 25.85
C GLU B 36 -4.50 -22.17 25.33
N LEU B 37 -4.55 -20.97 24.76
CA LEU B 37 -5.77 -20.35 24.26
C LEU B 37 -5.73 -20.28 22.73
N THR B 38 -6.79 -20.80 22.10
CA THR B 38 -6.92 -20.77 20.65
C THR B 38 -8.16 -19.97 20.27
N ALA B 39 -7.96 -18.96 19.42
CA ALA B 39 -9.03 -18.11 18.91
C ALA B 39 -9.30 -18.46 17.45
N VAL B 40 -10.56 -18.73 17.14
CA VAL B 40 -11.04 -18.89 15.78
C VAL B 40 -11.64 -17.55 15.36
N VAL B 41 -10.97 -16.87 14.43
CA VAL B 41 -11.19 -15.46 14.16
C VAL B 41 -12.00 -15.26 12.90
N ASN B 42 -13.00 -14.39 12.97
CA ASN B 42 -13.81 -14.02 11.82
C ASN B 42 -12.97 -13.42 10.70
N ILE B 43 -13.23 -13.86 9.47
CA ILE B 43 -12.66 -13.26 8.27
C ILE B 43 -13.72 -12.55 7.42
N GLY B 44 -14.94 -12.38 7.94
CA GLY B 44 -16.00 -11.81 7.14
C GLY B 44 -15.74 -10.38 6.72
N ASP B 45 -14.94 -9.64 7.50
CA ASP B 45 -14.62 -8.24 7.22
C ASP B 45 -13.36 -8.07 6.36
N ASP B 46 -12.65 -9.15 6.06
CA ASP B 46 -11.42 -9.05 5.30
C ASP B 46 -11.73 -8.59 3.89
N ALA B 47 -10.85 -7.76 3.34
CA ALA B 47 -11.08 -7.24 2.01
C ALA B 47 -9.75 -6.86 1.37
N TRP B 48 -9.78 -6.71 0.04
CA TRP B 48 -8.70 -6.13 -0.74
C TRP B 48 -9.06 -4.66 -0.96
N MET B 49 -8.26 -3.78 -0.36
CA MET B 49 -8.48 -2.32 -0.47
C MET B 49 -7.17 -1.64 -0.83
N HIS B 50 -7.18 -0.88 -1.93
CA HIS B 50 -5.97 -0.16 -2.44
C HIS B 50 -4.84 -1.15 -2.74
N GLY B 51 -5.19 -2.31 -3.29
CA GLY B 51 -4.21 -3.35 -3.66
C GLY B 51 -3.57 -4.02 -2.45
N VAL B 52 -4.18 -3.93 -1.27
CA VAL B 52 -3.58 -4.56 -0.11
C VAL B 52 -4.67 -5.33 0.64
N ARG B 53 -4.29 -6.46 1.26
CA ARG B 53 -5.26 -7.27 1.97
C ARG B 53 -5.36 -6.83 3.44
N ILE B 54 -6.57 -6.47 3.85
CA ILE B 54 -6.85 -5.96 5.20
C ILE B 54 -7.71 -6.98 5.94
N CYS B 55 -7.25 -7.43 7.12
CA CYS B 55 -8.03 -8.36 7.95
C CYS B 55 -8.26 -7.78 9.33
N PRO B 56 -9.40 -7.04 9.55
CA PRO B 56 -9.58 -6.30 10.82
C PRO B 56 -9.64 -7.14 12.09
N ASP B 57 -10.45 -8.19 12.08
CA ASP B 57 -10.61 -8.98 13.30
C ASP B 57 -9.31 -9.62 13.71
N LEU B 58 -8.59 -10.24 12.78
CA LEU B 58 -7.30 -10.84 13.14
C LEU B 58 -6.33 -9.75 13.62
N ASP B 59 -6.32 -8.60 12.96
CA ASP B 59 -5.42 -7.53 13.36
C ASP B 59 -5.79 -7.00 14.73
N THR B 60 -7.09 -6.80 15.00
CA THR B 60 -7.52 -6.28 16.31
C THR B 60 -7.14 -7.23 17.45
N CYS B 61 -7.44 -8.53 17.29
CA CYS B 61 -6.94 -9.48 18.28
C CYS B 61 -5.43 -9.36 18.42
N MET B 62 -4.72 -9.39 17.30
CA MET B 62 -3.25 -9.41 17.38
C MET B 62 -2.70 -8.16 18.06
N TYR B 63 -3.19 -6.96 17.67
CA TYR B 63 -2.74 -5.73 18.31
C TYR B 63 -3.16 -5.66 19.77
N THR B 64 -4.41 -6.03 20.07
CA THR B 64 -4.89 -5.97 21.45
C THR B 64 -4.08 -6.86 22.36
N LEU B 65 -3.92 -8.13 21.97
CA LEU B 65 -3.19 -9.07 22.81
C LEU B 65 -1.69 -8.79 22.81
N GLY B 66 -1.19 -8.11 21.76
CA GLY B 66 0.20 -7.76 21.74
C GLY B 66 0.52 -6.47 22.46
N GLY B 67 -0.48 -5.81 23.06
CA GLY B 67 -0.20 -4.58 23.77
C GLY B 67 0.09 -3.39 22.89
N GLY B 68 -0.36 -3.42 21.62
CA GLY B 68 -0.18 -2.34 20.66
C GLY B 68 -1.31 -1.35 20.46
N ILE B 69 -2.42 -1.50 21.18
CA ILE B 69 -3.59 -0.65 20.99
C ILE B 69 -3.46 0.58 21.86
N ASP B 70 -3.81 1.74 21.28
CA ASP B 70 -3.76 2.99 22.03
C ASP B 70 -4.85 2.97 23.10
N PRO B 71 -4.51 3.09 24.38
CA PRO B 71 -5.53 2.94 25.43
C PRO B 71 -6.57 4.07 25.41
N ASP B 72 -6.14 5.29 25.07
CA ASP B 72 -7.07 6.44 25.07
C ASP B 72 -8.21 6.25 24.07
N ARG B 73 -7.86 6.16 22.79
CA ARG B 73 -8.87 5.97 21.75
C ARG B 73 -9.52 4.59 21.85
N GLY B 74 -8.73 3.57 22.16
CA GLY B 74 -9.30 2.21 22.28
C GLY B 74 -9.22 1.41 20.99
N TRP B 75 -8.74 2.03 19.91
CA TRP B 75 -8.56 1.37 18.62
C TRP B 75 -7.32 1.95 17.95
N GLY B 76 -6.72 1.17 17.07
CA GLY B 76 -5.56 1.65 16.36
C GLY B 76 -4.28 1.64 17.19
N HIS B 77 -3.19 2.00 16.53
CA HIS B 77 -1.86 2.06 17.08
C HIS B 77 -1.71 3.31 17.95
N ARG B 78 -0.67 3.29 18.80
CA ARG B 78 -0.24 4.48 19.50
C ARG B 78 0.56 5.34 18.56
N ASN B 79 0.47 6.66 18.76
CA ASN B 79 1.21 7.60 17.91
C ASN B 79 0.92 7.32 16.44
N GLU B 80 -0.36 7.09 16.13
CA GLU B 80 -0.75 6.85 14.74
C GLU B 80 -0.96 8.15 14.00
N THR B 81 -0.55 8.16 12.73
CA THR B 81 -0.82 9.23 11.77
C THR B 81 -1.74 8.65 10.69
N TRP B 82 -2.36 9.55 9.91
CA TRP B 82 -3.25 9.10 8.84
C TRP B 82 -2.89 9.77 7.53
N ASN B 83 -1.60 10.05 7.33
CA ASN B 83 -1.15 10.79 6.16
C ASN B 83 -1.40 10.03 4.87
N ALA B 84 -1.11 8.74 4.83
CA ALA B 84 -1.41 8.01 3.60
C ALA B 84 -2.90 8.09 3.28
N LYS B 85 -3.75 8.00 4.31
CA LYS B 85 -5.19 8.12 4.09
C LYS B 85 -5.54 9.50 3.51
N GLU B 86 -4.86 10.54 4.00
CA GLU B 86 -5.10 11.92 3.53
C GLU B 86 -4.80 12.03 2.03
N GLU B 87 -3.65 11.50 1.60
CA GLU B 87 -3.26 11.56 0.16
C GLU B 87 -4.23 10.75 -0.70
N LEU B 88 -4.72 9.63 -0.17
CA LEU B 88 -5.70 8.80 -0.92
C LEU B 88 -6.99 9.61 -1.13
N ALA B 89 -7.41 10.38 -0.13
CA ALA B 89 -8.64 11.20 -0.28
C ALA B 89 -8.43 12.24 -1.38
N ALA B 90 -7.24 12.84 -1.42
CA ALA B 90 -6.85 13.82 -2.46
C ALA B 90 -6.87 13.13 -3.83
N TYR B 91 -6.42 11.87 -3.88
CA TYR B 91 -6.43 11.04 -5.12
C TYR B 91 -7.86 10.72 -5.57
N GLY B 92 -8.84 10.72 -4.66
CA GLY B 92 -10.24 10.48 -5.04
C GLY B 92 -10.76 9.09 -4.72
N VAL B 93 -9.91 8.19 -4.21
CA VAL B 93 -10.42 6.85 -3.79
C VAL B 93 -11.07 7.03 -2.40
N GLN B 94 -12.07 6.22 -2.05
CA GLN B 94 -12.69 6.44 -0.71
C GLN B 94 -11.92 5.65 0.36
N PRO B 95 -11.28 6.35 1.31
CA PRO B 95 -10.44 5.77 2.35
C PRO B 95 -11.03 5.77 3.77
N ASP B 96 -12.34 5.95 3.92
CA ASP B 96 -12.96 5.95 5.27
C ASP B 96 -13.51 4.56 5.55
N TRP B 97 -13.37 3.66 4.57
CA TRP B 97 -13.90 2.31 4.65
C TRP B 97 -13.28 1.55 5.82
N PHE B 98 -12.06 1.92 6.20
CA PHE B 98 -11.34 1.39 7.33
C PHE B 98 -10.41 2.50 7.77
N GLY B 99 -9.98 2.46 9.03
CA GLY B 99 -9.11 3.51 9.53
C GLY B 99 -7.91 3.78 8.64
N LEU B 100 -7.21 2.71 8.20
CA LEU B 100 -6.09 2.80 7.26
C LEU B 100 -5.00 3.77 7.74
N GLY B 101 -4.53 3.57 8.97
CA GLY B 101 -3.45 4.36 9.49
C GLY B 101 -2.12 4.00 8.85
N ASP B 102 -1.17 4.94 8.94
CA ASP B 102 0.15 4.71 8.35
C ASP B 102 0.83 3.50 8.98
N ARG B 103 0.88 3.43 10.32
CA ARG B 103 1.48 2.27 10.99
C ARG B 103 0.72 1.01 10.64
N ASP B 104 -0.61 1.12 10.56
CA ASP B 104 -1.48 0.03 10.18
C ASP B 104 -1.14 -0.52 8.79
N LEU B 105 -0.77 0.37 7.88
CA LEU B 105 -0.53 -0.06 6.50
C LEU B 105 0.68 -0.96 6.40
N ALA B 106 1.67 -0.76 7.27
CA ALA B 106 2.84 -1.62 7.30
C ALA B 106 2.42 -3.07 7.46
N THR B 107 1.53 -3.36 8.42
CA THR B 107 0.99 -4.71 8.54
C THR B 107 0.42 -5.19 7.21
N HIS B 108 -0.33 -4.31 6.53
CA HIS B 108 -0.95 -4.68 5.26
C HIS B 108 0.10 -4.93 4.19
N LEU B 109 1.14 -4.11 4.14
CA LEU B 109 2.17 -4.34 3.15
C LEU B 109 2.80 -5.72 3.37
N VAL B 110 3.15 -6.03 4.62
CA VAL B 110 3.81 -7.29 4.91
C VAL B 110 2.89 -8.47 4.59
N ARG B 111 1.63 -8.37 5.01
CA ARG B 111 0.72 -9.49 4.78
C ARG B 111 0.50 -9.72 3.29
N SER B 112 0.27 -8.65 2.54
CA SER B 112 -0.05 -8.79 1.12
C SER B 112 1.12 -9.41 0.36
N GLN B 113 2.34 -9.02 0.72
CA GLN B 113 3.55 -9.60 0.14
C GLN B 113 3.63 -11.10 0.40
N MET B 114 3.23 -11.53 1.60
CA MET B 114 3.27 -12.96 1.90
C MET B 114 2.21 -13.70 1.13
N LEU B 115 1.01 -13.12 1.07
CA LEU B 115 -0.07 -13.79 0.35
C LEU B 115 0.28 -13.95 -1.11
N ARG B 116 0.90 -12.94 -1.72
CA ARG B 116 1.24 -13.03 -3.14
C ARG B 116 2.35 -14.06 -3.37
N ALA B 117 3.17 -14.30 -2.36
CA ALA B 117 4.25 -15.27 -2.44
C ALA B 117 3.77 -16.67 -2.06
N GLY B 118 2.47 -16.87 -1.85
CA GLY B 118 1.94 -18.20 -1.63
C GLY B 118 1.75 -18.64 -0.18
N TYR B 119 2.04 -17.81 0.78
CA TYR B 119 1.78 -18.19 2.15
C TYR B 119 0.29 -18.04 2.45
N PRO B 120 -0.36 -19.06 3.02
CA PRO B 120 -1.77 -18.91 3.40
C PRO B 120 -1.88 -18.01 4.61
N LEU B 121 -3.11 -17.48 4.79
CA LEU B 121 -3.41 -16.48 5.81
C LEU B 121 -3.01 -16.96 7.20
N SER B 122 -3.24 -18.24 7.50
CA SER B 122 -2.84 -18.77 8.81
C SER B 122 -1.35 -18.57 9.06
N GLN B 123 -0.52 -18.90 8.06
CA GLN B 123 0.93 -18.69 8.19
C GLN B 123 1.26 -17.20 8.19
N VAL B 124 0.53 -16.40 7.42
CA VAL B 124 0.77 -14.97 7.49
C VAL B 124 0.58 -14.49 8.92
N THR B 125 -0.51 -14.95 9.57
CA THR B 125 -0.75 -14.54 10.94
C THR B 125 0.37 -15.02 11.87
N GLU B 126 0.85 -16.25 11.68
CA GLU B 126 1.94 -16.72 12.53
C GLU B 126 3.13 -15.80 12.39
N ALA B 127 3.44 -15.41 11.15
CA ALA B 127 4.58 -14.53 10.90
C ALA B 127 4.41 -13.18 11.57
N LEU B 128 3.22 -12.59 11.50
CA LEU B 128 3.05 -11.30 12.14
C LEU B 128 3.18 -11.45 13.66
N CYS B 129 2.67 -12.57 14.19
CA CYS B 129 2.60 -12.70 15.63
C CYS B 129 3.97 -12.91 16.24
N LYS B 130 4.98 -13.20 15.43
CA LYS B 130 6.32 -13.29 16.01
C LYS B 130 6.72 -11.95 16.56
N ARG B 131 6.30 -10.88 15.90
CA ARG B 131 6.52 -9.54 16.43
C ARG B 131 5.55 -9.22 17.57
N TRP B 132 4.27 -9.50 17.38
CA TRP B 132 3.28 -9.05 18.36
C TRP B 132 3.24 -9.96 19.58
N GLN B 133 3.51 -11.26 19.40
CA GLN B 133 3.56 -12.22 20.50
C GLN B 133 2.34 -12.08 21.40
N PRO B 134 1.15 -12.35 20.87
CA PRO B 134 -0.07 -12.09 21.63
C PRO B 134 -0.28 -13.04 22.81
N GLY B 135 0.37 -14.20 22.81
CA GLY B 135 0.15 -15.16 23.87
C GLY B 135 -1.07 -16.02 23.61
N ALA B 136 -1.53 -16.07 22.36
CA ALA B 136 -2.63 -16.93 21.95
C ALA B 136 -2.44 -17.35 20.50
N ARG B 137 -3.15 -18.40 20.12
CA ARG B 137 -3.11 -18.93 18.76
C ARG B 137 -4.28 -18.34 17.98
N LEU B 138 -3.98 -17.45 17.03
CA LEU B 138 -5.03 -16.75 16.29
C LEU B 138 -5.20 -17.43 14.93
N LEU B 139 -6.16 -18.26 14.83
CA LEU B 139 -6.46 -19.02 13.63
C LEU B 139 -7.53 -18.32 12.80
N PRO B 140 -7.27 -17.97 11.55
CA PRO B 140 -8.35 -17.45 10.70
C PRO B 140 -9.37 -18.54 10.49
N ALA B 141 -10.64 -18.17 10.58
CA ALA B 141 -11.69 -19.16 10.41
C ALA B 141 -11.55 -19.89 9.07
N SER B 142 -10.91 -19.24 8.10
CA SER B 142 -10.59 -19.90 6.84
C SER B 142 -9.38 -19.22 6.22
N ASP B 143 -8.63 -19.99 5.43
CA ASP B 143 -7.57 -19.42 4.62
C ASP B 143 -8.10 -19.00 3.25
N GLU B 144 -9.34 -19.37 2.92
CA GLU B 144 -9.99 -18.96 1.67
C GLU B 144 -10.82 -17.70 1.91
N ARG B 145 -11.14 -17.01 0.84
CA ARG B 145 -11.91 -15.77 0.94
C ARG B 145 -13.36 -16.06 1.33
N SER B 146 -13.86 -15.31 2.33
CA SER B 146 -15.25 -15.45 2.81
C SER B 146 -15.69 -14.09 3.35
N GLU B 147 -16.19 -13.24 2.45
CA GLU B 147 -16.39 -11.84 2.79
C GLU B 147 -17.86 -11.52 3.00
N THR B 148 -18.15 -10.93 4.16
CA THR B 148 -19.51 -10.56 4.51
C THR B 148 -19.96 -9.38 3.64
N HIS B 149 -21.01 -9.59 2.87
CA HIS B 149 -21.62 -8.52 2.11
C HIS B 149 -23.04 -8.28 2.62
N VAL B 150 -23.55 -7.08 2.34
CA VAL B 150 -24.90 -6.69 2.68
C VAL B 150 -25.62 -6.39 1.37
N VAL B 151 -26.82 -6.96 1.19
CA VAL B 151 -27.64 -6.74 0.01
C VAL B 151 -28.57 -5.54 0.23
N ILE B 152 -28.43 -4.51 -0.61
CA ILE B 152 -29.21 -3.30 -0.48
C ILE B 152 -29.99 -3.09 -1.78
N THR B 153 -30.89 -2.14 -1.71
CA THR B 153 -31.51 -1.52 -2.89
C THR B 153 -30.62 -0.33 -3.25
N ASP B 154 -29.95 -0.39 -4.40
CA ASP B 154 -29.11 0.71 -4.83
C ASP B 154 -29.97 1.90 -5.25
N PRO B 155 -29.78 3.11 -4.68
CA PRO B 155 -30.66 4.24 -5.06
C PRO B 155 -30.37 4.81 -6.44
N THR B 156 -29.27 4.44 -7.09
CA THR B 156 -29.00 5.02 -8.40
C THR B 156 -29.79 4.35 -9.50
N ASP B 157 -30.19 3.10 -9.33
CA ASP B 157 -31.00 2.44 -10.34
C ASP B 157 -32.03 1.48 -9.77
N GLY B 158 -32.15 1.36 -8.44
CA GLY B 158 -33.12 0.49 -7.82
C GLY B 158 -32.79 -0.99 -7.76
N GLU B 159 -31.57 -1.40 -8.12
CA GLU B 159 -31.19 -2.81 -8.20
C GLU B 159 -30.69 -3.33 -6.85
N ARG B 160 -30.96 -4.62 -6.57
CA ARG B 160 -30.30 -5.28 -5.44
C ARG B 160 -28.82 -5.39 -5.74
N ARG B 161 -27.99 -5.06 -4.76
CA ARG B 161 -26.55 -5.09 -4.91
C ARG B 161 -25.96 -5.59 -3.60
N ALA B 162 -24.91 -6.40 -3.69
CA ALA B 162 -24.15 -6.76 -2.51
C ALA B 162 -23.01 -5.77 -2.33
N ILE B 163 -22.83 -5.33 -1.10
CA ILE B 163 -21.81 -4.36 -0.73
C ILE B 163 -21.00 -4.99 0.38
N HIS B 164 -19.69 -4.82 0.34
CA HIS B 164 -18.86 -5.35 1.41
C HIS B 164 -19.27 -4.72 2.73
N PHE B 165 -19.34 -5.54 3.78
CA PHE B 165 -19.84 -5.06 5.07
C PHE B 165 -19.21 -3.73 5.48
N GLN B 166 -17.90 -3.56 5.26
CA GLN B 166 -17.26 -2.32 5.69
C GLN B 166 -17.76 -1.12 4.91
N GLU B 167 -18.02 -1.27 3.61
CA GLU B 167 -18.63 -0.17 2.87
C GLU B 167 -20.07 0.05 3.31
N TRP B 168 -20.78 -1.03 3.61
CA TRP B 168 -22.16 -0.86 4.07
C TRP B 168 -22.19 -0.08 5.38
N TRP B 169 -21.22 -0.36 6.27
CA TRP B 169 -21.23 0.20 7.62
C TRP B 169 -20.97 1.72 7.61
N VAL B 170 -20.01 2.18 6.83
CA VAL B 170 -19.70 3.61 6.83
C VAL B 170 -20.68 4.45 5.99
N ARG B 171 -21.10 3.94 4.84
CA ARG B 171 -21.83 4.68 3.82
C ARG B 171 -23.32 4.36 3.71
N TYR B 172 -23.70 3.09 3.60
CA TYR B 172 -25.09 2.77 3.29
C TYR B 172 -25.98 2.47 4.49
N ARG B 173 -25.39 2.01 5.58
CA ARG B 173 -26.14 1.66 6.77
C ARG B 173 -27.07 2.80 7.19
N ALA B 174 -28.36 2.46 7.32
CA ALA B 174 -29.44 3.35 7.73
C ALA B 174 -29.76 4.41 6.69
N LYS B 175 -29.27 4.26 5.48
CA LYS B 175 -29.55 5.28 4.48
C LYS B 175 -30.26 4.75 3.25
N VAL B 176 -30.29 3.43 3.08
CA VAL B 176 -31.01 2.74 1.99
C VAL B 176 -31.58 1.43 2.53
N PRO B 177 -32.66 0.94 1.92
CA PRO B 177 -33.19 -0.36 2.32
C PRO B 177 -32.11 -1.44 2.24
N THR B 178 -32.07 -2.32 3.25
CA THR B 178 -31.07 -3.38 3.29
C THR B 178 -31.79 -4.70 3.61
N HIS B 179 -31.57 -5.73 2.75
CA HIS B 179 -32.40 -6.93 2.57
C HIS B 179 -31.86 -8.20 3.21
N SER B 180 -30.56 -8.42 3.18
CA SER B 180 -30.00 -9.64 3.75
C SER B 180 -28.48 -9.52 3.79
N PHE B 181 -27.85 -10.56 4.33
CA PHE B 181 -26.41 -10.73 4.21
C PHE B 181 -26.13 -11.81 3.18
N ALA B 182 -24.97 -11.70 2.56
CA ALA B 182 -24.41 -12.70 1.67
C ALA B 182 -23.00 -12.98 2.16
N TYR B 183 -22.64 -14.26 2.22
CA TYR B 183 -21.31 -14.66 2.66
C TYR B 183 -20.53 -15.09 1.40
N VAL B 184 -20.00 -14.10 0.68
CA VAL B 184 -19.42 -14.31 -0.65
C VAL B 184 -18.15 -15.15 -0.50
N GLY B 185 -18.18 -16.36 -1.04
CA GLY B 185 -17.06 -17.25 -0.97
C GLY B 185 -17.21 -18.36 0.06
N ALA B 186 -18.13 -18.18 1.03
CA ALA B 186 -18.23 -19.14 2.14
C ALA B 186 -18.39 -20.56 1.64
N ASP B 187 -19.39 -20.78 0.80
CA ASP B 187 -19.67 -22.10 0.25
C ASP B 187 -18.46 -22.72 -0.41
N GLN B 188 -17.49 -21.92 -0.85
CA GLN B 188 -16.30 -22.44 -1.50
C GLN B 188 -15.09 -22.54 -0.55
N ALA B 189 -15.31 -22.27 0.74
CA ALA B 189 -14.24 -22.24 1.73
C ALA B 189 -14.22 -23.52 2.56
N THR B 190 -13.04 -23.87 3.01
CA THR B 190 -12.86 -24.93 3.99
C THR B 190 -12.37 -24.33 5.31
N ALA B 191 -12.69 -25.00 6.40
CA ALA B 191 -12.19 -24.55 7.70
C ALA B 191 -10.66 -24.46 7.68
N GLY B 192 -10.12 -23.36 8.21
CA GLY B 192 -8.70 -23.11 8.25
C GLY B 192 -7.95 -24.12 9.09
N PRO B 193 -6.64 -24.31 8.80
CA PRO B 193 -5.84 -25.34 9.48
C PRO B 193 -5.94 -25.30 11.00
N GLY B 194 -6.27 -26.44 11.60
CA GLY B 194 -6.36 -26.52 13.03
C GLY B 194 -7.65 -26.02 13.62
N VAL B 195 -8.56 -25.46 12.81
CA VAL B 195 -9.80 -24.93 13.36
C VAL B 195 -10.70 -26.06 13.85
N VAL B 196 -10.89 -27.08 13.03
CA VAL B 196 -11.75 -28.19 13.46
C VAL B 196 -11.07 -28.99 14.56
N GLU B 197 -9.74 -29.08 14.51
CA GLU B 197 -8.99 -29.72 15.59
C GLU B 197 -9.15 -28.95 16.90
N ALA B 198 -8.98 -27.61 16.84
CA ALA B 198 -9.12 -26.79 18.04
C ALA B 198 -10.52 -26.91 18.64
N ILE B 199 -11.54 -26.97 17.79
CA ILE B 199 -12.90 -27.18 18.29
C ILE B 199 -13.05 -28.60 18.83
N GLY B 200 -12.42 -29.57 18.17
CA GLY B 200 -12.59 -30.95 18.57
C GLY B 200 -11.94 -31.29 19.89
N ASP B 201 -10.74 -30.76 20.13
CA ASP B 201 -9.93 -31.19 21.26
C ASP B 201 -10.06 -30.31 22.49
N ALA B 202 -10.79 -29.21 22.41
CA ALA B 202 -10.87 -28.26 23.50
C ALA B 202 -11.47 -28.87 24.75
N ASP B 203 -11.06 -28.33 25.91
CA ASP B 203 -11.80 -28.60 27.13
C ASP B 203 -13.11 -27.82 27.14
N ILE B 204 -13.16 -26.68 26.44
CA ILE B 204 -14.36 -25.86 26.38
C ILE B 204 -14.25 -24.98 25.15
N VAL B 205 -15.41 -24.69 24.55
CA VAL B 205 -15.55 -23.76 23.44
C VAL B 205 -16.42 -22.58 23.91
N LEU B 206 -15.88 -21.38 23.79
CA LEU B 206 -16.54 -20.15 24.20
C LEU B 206 -16.86 -19.30 22.97
N LEU B 207 -18.12 -18.86 22.85
CA LEU B 207 -18.49 -17.81 21.90
C LEU B 207 -18.40 -16.46 22.61
N ALA B 208 -17.40 -15.67 22.25
CA ALA B 208 -17.28 -14.34 22.82
C ALA B 208 -18.57 -13.53 22.58
N PRO B 209 -18.85 -12.50 23.46
CA PRO B 209 -20.03 -11.63 23.29
C PRO B 209 -19.89 -10.61 22.17
N SER B 210 -19.54 -11.09 20.99
CA SER B 210 -19.35 -10.26 19.82
C SER B 210 -20.70 -10.12 19.11
N ASN B 211 -20.74 -9.30 18.07
CA ASN B 211 -21.97 -9.18 17.29
C ASN B 211 -22.35 -10.56 16.76
N PRO B 212 -23.55 -11.06 17.05
CA PRO B 212 -23.87 -12.43 16.63
C PRO B 212 -23.95 -12.62 15.12
N VAL B 213 -24.45 -11.64 14.36
CA VAL B 213 -24.70 -11.85 12.94
C VAL B 213 -23.41 -11.77 12.14
N VAL B 214 -22.59 -10.76 12.44
CA VAL B 214 -21.48 -10.38 11.59
C VAL B 214 -20.13 -10.57 12.25
N SER B 215 -20.08 -11.04 13.49
CA SER B 215 -18.80 -11.40 14.10
C SER B 215 -18.69 -12.90 14.34
N ILE B 216 -19.61 -13.49 15.11
CA ILE B 216 -19.60 -14.94 15.28
C ILE B 216 -20.23 -15.63 14.07
N GLY B 217 -21.40 -15.14 13.66
CA GLY B 217 -22.16 -15.67 12.56
C GLY B 217 -21.38 -16.09 11.31
N PRO B 218 -20.55 -15.20 10.75
CA PRO B 218 -19.82 -15.57 9.52
C PRO B 218 -18.85 -16.74 9.72
N ILE B 219 -18.24 -16.86 10.90
CA ILE B 219 -17.43 -18.02 11.23
C ILE B 219 -18.23 -19.31 11.00
N LEU B 220 -19.51 -19.28 11.40
CA LEU B 220 -20.40 -20.43 11.31
C LEU B 220 -20.79 -20.77 9.87
N GLN B 221 -20.63 -19.85 8.93
CA GLN B 221 -20.93 -20.11 7.53
C GLN B 221 -19.80 -20.85 6.80
N ILE B 222 -18.62 -20.94 7.40
CA ILE B 222 -17.49 -21.68 6.85
C ILE B 222 -17.76 -23.17 6.93
N PRO B 223 -17.90 -23.86 5.80
CA PRO B 223 -18.23 -25.30 5.84
C PRO B 223 -17.31 -26.04 6.81
N GLY B 224 -17.88 -26.97 7.57
CA GLY B 224 -17.10 -27.77 8.48
C GLY B 224 -17.05 -27.23 9.90
N ILE B 225 -17.04 -25.90 10.07
CA ILE B 225 -16.96 -25.32 11.39
C ILE B 225 -18.22 -25.61 12.18
N ARG B 226 -19.38 -25.41 11.57
CA ARG B 226 -20.61 -25.70 12.30
C ARG B 226 -20.67 -27.17 12.72
N GLY B 227 -20.27 -28.07 11.83
CA GLY B 227 -20.24 -29.48 12.18
C GLY B 227 -19.32 -29.77 13.35
N ALA B 228 -18.12 -29.19 13.32
CA ALA B 228 -17.22 -29.38 14.45
C ALA B 228 -17.86 -28.87 15.74
N LEU B 229 -18.60 -27.76 15.65
CA LEU B 229 -19.23 -27.25 16.87
C LEU B 229 -20.37 -28.14 17.33
N ARG B 230 -21.05 -28.83 16.42
CA ARG B 230 -22.19 -29.62 16.85
C ARG B 230 -21.80 -30.97 17.41
N SER B 231 -20.57 -31.40 17.14
CA SER B 231 -20.10 -32.72 17.49
C SER B 231 -19.15 -32.75 18.66
N THR B 232 -18.48 -31.64 18.98
CA THR B 232 -17.33 -31.76 19.88
C THR B 232 -17.79 -32.12 21.27
N SER B 233 -17.02 -32.99 21.92
CA SER B 233 -17.27 -33.37 23.30
C SER B 233 -17.14 -32.18 24.25
N ALA B 234 -16.53 -31.09 23.79
CA ALA B 234 -16.36 -29.93 24.66
C ALA B 234 -17.72 -29.25 24.88
N PRO B 235 -18.00 -28.78 26.10
CA PRO B 235 -19.17 -27.91 26.28
C PRO B 235 -19.00 -26.62 25.51
N VAL B 236 -20.10 -26.13 24.94
CA VAL B 236 -20.12 -24.91 24.14
C VAL B 236 -20.91 -23.86 24.92
N ILE B 237 -20.21 -22.83 25.39
CA ILE B 237 -20.77 -21.81 26.25
C ILE B 237 -20.83 -20.50 25.48
N GLY B 238 -22.02 -19.93 25.33
CA GLY B 238 -22.19 -18.65 24.67
C GLY B 238 -22.39 -17.52 25.66
N TYR B 239 -21.89 -16.33 25.28
CA TYR B 239 -22.06 -15.11 26.03
C TYR B 239 -22.98 -14.15 25.29
N SER B 240 -23.97 -13.60 25.97
CA SER B 240 -24.91 -12.71 25.31
C SER B 240 -24.27 -11.36 24.99
N PRO B 241 -24.45 -10.85 23.77
CA PRO B 241 -23.95 -9.52 23.43
C PRO B 241 -24.89 -8.36 23.78
N ILE B 242 -26.03 -8.62 24.40
CA ILE B 242 -27.07 -7.62 24.63
C ILE B 242 -26.97 -7.15 26.08
N ILE B 243 -26.54 -5.90 26.29
CA ILE B 243 -26.43 -5.29 27.60
C ILE B 243 -27.55 -4.27 27.80
N ALA B 244 -28.55 -4.60 28.62
CA ALA B 244 -29.64 -3.67 28.89
C ALA B 244 -29.18 -2.59 29.87
N GLY B 245 -30.12 -1.75 30.27
CA GLY B 245 -29.88 -0.74 31.28
C GLY B 245 -29.22 0.54 30.82
N LYS B 246 -29.08 0.76 29.52
CA LYS B 246 -28.35 1.93 29.08
C LYS B 246 -29.28 3.14 29.01
N PRO B 247 -28.71 4.34 28.90
CA PRO B 247 -29.53 5.56 28.78
C PRO B 247 -30.50 5.44 27.61
N LEU B 248 -31.78 5.72 27.87
CA LEU B 248 -32.80 5.67 26.83
C LEU B 248 -33.01 4.26 26.31
N ARG B 249 -32.62 3.27 27.12
CA ARG B 249 -32.80 1.85 26.85
C ARG B 249 -31.94 1.35 25.70
N GLY B 250 -30.99 2.14 25.22
CA GLY B 250 -30.16 1.57 24.20
C GLY B 250 -30.83 1.66 22.84
N MET B 251 -30.17 1.07 21.85
CA MET B 251 -30.67 0.99 20.49
C MET B 251 -30.59 -0.47 20.06
N ALA B 252 -31.50 -0.88 19.20
CA ALA B 252 -31.43 -2.24 18.65
C ALA B 252 -30.19 -2.40 17.78
N ASP B 253 -29.64 -3.62 17.74
CA ASP B 253 -28.49 -3.86 16.89
C ASP B 253 -28.88 -3.75 15.43
N GLU B 254 -28.16 -2.91 14.69
CA GLU B 254 -28.54 -2.70 13.29
C GLU B 254 -28.39 -3.99 12.48
N CYS B 255 -27.35 -4.80 12.73
CA CYS B 255 -27.17 -6.00 11.90
C CYS B 255 -28.18 -7.08 12.26
N LEU B 256 -28.58 -7.15 13.52
CA LEU B 256 -29.68 -8.04 13.89
C LEU B 256 -30.97 -7.60 13.20
N LYS B 257 -31.14 -6.28 13.03
CA LYS B 257 -32.36 -5.78 12.42
C LYS B 257 -32.50 -6.26 10.97
N VAL B 258 -31.37 -6.39 10.27
CA VAL B 258 -31.37 -6.89 8.89
C VAL B 258 -32.00 -8.26 8.79
N ILE B 259 -31.66 -9.17 9.71
CA ILE B 259 -32.23 -10.52 9.63
C ILE B 259 -33.52 -10.61 10.45
N GLY B 260 -34.04 -9.47 10.94
CA GLY B 260 -35.34 -9.49 11.62
C GLY B 260 -35.32 -10.03 13.04
N VAL B 261 -34.17 -10.00 13.73
CA VAL B 261 -34.04 -10.60 15.05
C VAL B 261 -34.03 -9.50 16.08
N GLU B 262 -34.87 -9.67 17.12
CA GLU B 262 -34.94 -8.71 18.21
C GLU B 262 -33.59 -8.64 18.94
N SER B 263 -33.35 -7.50 19.59
CA SER B 263 -32.12 -7.25 20.32
C SER B 263 -32.28 -7.59 21.81
N THR B 264 -32.56 -8.87 22.06
CA THR B 264 -32.74 -9.41 23.40
C THR B 264 -31.85 -10.62 23.59
N SER B 265 -31.53 -10.91 24.86
CA SER B 265 -30.71 -12.09 25.12
C SER B 265 -31.46 -13.34 24.70
N GLN B 266 -32.78 -13.31 24.81
CA GLN B 266 -33.61 -14.43 24.41
C GLN B 266 -33.53 -14.68 22.90
N ALA B 267 -33.58 -13.62 22.08
CA ALA B 267 -33.55 -13.81 20.64
C ALA B 267 -32.18 -14.27 20.16
N VAL B 268 -31.10 -13.66 20.66
CA VAL B 268 -29.78 -14.12 20.25
C VAL B 268 -29.56 -15.56 20.70
N GLY B 269 -30.09 -15.93 21.86
CA GLY B 269 -29.99 -17.32 22.28
C GLY B 269 -30.62 -18.27 21.29
N GLU B 270 -31.86 -17.99 20.89
CA GLU B 270 -32.52 -18.82 19.88
C GLU B 270 -31.77 -18.77 18.57
N PHE B 271 -31.14 -17.63 18.26
CA PHE B 271 -30.38 -17.54 17.02
C PHE B 271 -29.30 -18.60 16.98
N PHE B 272 -28.45 -18.67 18.00
CA PHE B 272 -27.48 -19.74 18.06
C PHE B 272 -28.17 -21.08 18.33
N GLY B 273 -29.24 -21.07 19.13
CA GLY B 273 -30.03 -22.29 19.30
C GLY B 273 -29.39 -23.33 20.19
N ALA B 274 -30.15 -24.39 20.47
CA ALA B 274 -29.74 -25.39 21.44
C ALA B 274 -29.00 -26.55 20.76
N ARG B 275 -27.83 -26.92 21.31
CA ARG B 275 -27.16 -28.12 20.82
C ARG B 275 -28.03 -29.37 20.98
N ALA B 276 -28.85 -29.42 22.04
CA ALA B 276 -29.76 -30.55 22.22
C ALA B 276 -30.67 -30.73 21.03
N GLY B 277 -30.97 -29.65 20.31
CA GLY B 277 -31.75 -29.79 19.10
C GLY B 277 -30.90 -29.72 17.85
N THR B 278 -31.03 -28.63 17.10
CA THR B 278 -30.21 -28.38 15.92
C THR B 278 -29.25 -27.21 16.12
N GLY B 279 -29.25 -26.54 17.28
CA GLY B 279 -28.48 -25.33 17.51
C GLY B 279 -27.08 -25.63 18.02
N LEU B 280 -26.45 -24.59 18.60
CA LEU B 280 -25.04 -24.66 18.97
C LEU B 280 -24.76 -24.60 20.46
N LEU B 281 -25.69 -24.18 21.30
CA LEU B 281 -25.35 -23.87 22.67
C LEU B 281 -25.66 -25.02 23.62
N ASP B 282 -24.79 -25.16 24.61
CA ASP B 282 -25.07 -25.89 25.84
C ASP B 282 -25.41 -24.93 26.95
N GLY B 283 -24.70 -23.81 27.00
CA GLY B 283 -24.93 -22.80 28.00
C GLY B 283 -25.03 -21.43 27.35
N TRP B 284 -25.74 -20.55 28.05
CA TRP B 284 -25.96 -19.19 27.57
C TRP B 284 -25.90 -18.29 28.77
N LEU B 285 -24.91 -17.42 28.79
CA LEU B 285 -24.74 -16.50 29.88
C LEU B 285 -25.31 -15.14 29.50
N VAL B 286 -26.07 -14.55 30.42
CA VAL B 286 -26.63 -13.23 30.24
C VAL B 286 -26.25 -12.35 31.42
N HIS B 287 -26.32 -11.04 31.18
CA HIS B 287 -25.95 -10.01 32.17
C HIS B 287 -26.93 -9.98 33.34
N GLU B 288 -26.41 -9.60 34.51
CA GLU B 288 -27.24 -9.42 35.70
C GLU B 288 -28.51 -8.66 35.35
N GLY B 289 -29.64 -9.25 35.69
CA GLY B 289 -30.94 -8.67 35.43
C GLY B 289 -31.67 -9.28 34.27
N ASP B 290 -30.94 -9.83 33.31
CA ASP B 290 -31.52 -10.36 32.09
C ASP B 290 -32.05 -11.78 32.27
N HIS B 291 -32.92 -12.18 31.35
CA HIS B 291 -33.52 -13.50 31.41
C HIS B 291 -33.54 -14.16 30.04
N ALA B 292 -33.35 -15.47 30.02
CA ALA B 292 -33.59 -16.22 28.81
C ALA B 292 -34.02 -17.60 29.23
N GLN B 293 -34.82 -18.22 28.39
CA GLN B 293 -35.20 -19.60 28.60
C GLN B 293 -35.32 -20.21 27.23
N ILE B 294 -34.58 -21.29 27.02
CA ILE B 294 -34.47 -21.94 25.73
C ILE B 294 -34.42 -23.43 26.00
N GLU B 295 -35.38 -24.16 25.44
CA GLU B 295 -35.43 -25.61 25.65
C GLU B 295 -34.07 -26.26 25.40
N GLY B 296 -33.45 -26.77 26.45
CA GLY B 296 -32.23 -27.54 26.34
C GLY B 296 -30.97 -26.79 26.65
N VAL B 297 -31.07 -25.51 26.99
CA VAL B 297 -29.90 -24.68 27.19
C VAL B 297 -29.90 -24.15 28.61
N LYS B 298 -28.79 -24.35 29.30
CA LYS B 298 -28.58 -23.84 30.65
C LYS B 298 -28.27 -22.35 30.57
N VAL B 299 -29.15 -21.52 31.14
CA VAL B 299 -29.03 -20.06 31.14
C VAL B 299 -28.74 -19.58 32.56
N LYS B 300 -27.80 -18.65 32.68
CA LYS B 300 -27.43 -18.07 33.96
C LYS B 300 -27.14 -16.59 33.77
N ALA B 301 -27.70 -15.76 34.65
CA ALA B 301 -27.37 -14.34 34.67
C ALA B 301 -26.20 -14.10 35.62
N VAL B 302 -25.18 -13.41 35.13
CA VAL B 302 -24.01 -13.08 35.94
C VAL B 302 -23.51 -11.76 35.37
N PRO B 303 -22.64 -11.02 36.06
CA PRO B 303 -22.09 -9.78 35.46
C PRO B 303 -21.36 -10.09 34.16
N LEU B 304 -21.79 -9.43 33.08
CA LEU B 304 -21.31 -9.70 31.72
C LEU B 304 -20.67 -8.47 31.09
N LEU B 305 -20.08 -7.60 31.90
CA LEU B 305 -19.50 -6.37 31.38
C LEU B 305 -17.98 -6.52 31.39
N MET B 306 -17.38 -6.36 30.21
CA MET B 306 -15.91 -6.50 30.08
C MET B 306 -15.27 -5.17 30.49
N THR B 307 -15.50 -4.74 31.73
CA THR B 307 -14.98 -3.47 32.20
C THR B 307 -13.46 -3.41 32.06
N ASP B 308 -12.77 -4.48 32.41
CA ASP B 308 -11.32 -4.55 32.34
C ASP B 308 -10.93 -6.02 32.37
N PRO B 309 -9.67 -6.34 32.11
CA PRO B 309 -9.30 -7.76 32.11
C PRO B 309 -9.77 -8.50 33.35
N GLU B 310 -9.82 -7.83 34.50
CA GLU B 310 -10.22 -8.53 35.72
C GLU B 310 -11.70 -8.86 35.71
N ALA B 311 -12.54 -7.93 35.28
CA ALA B 311 -13.97 -8.25 35.16
C ALA B 311 -14.18 -9.32 34.10
N THR B 312 -13.50 -9.18 32.96
CA THR B 312 -13.64 -10.18 31.88
C THR B 312 -13.22 -11.56 32.41
N ALA B 313 -12.13 -11.63 33.18
CA ALA B 313 -11.69 -12.90 33.76
C ALA B 313 -12.81 -13.57 34.56
N ALA B 314 -13.54 -12.78 35.38
CA ALA B 314 -14.67 -13.33 36.11
C ALA B 314 -15.69 -13.94 35.17
N MET B 315 -15.98 -13.23 34.06
CA MET B 315 -16.94 -13.74 33.07
C MET B 315 -16.50 -15.07 32.49
N VAL B 316 -15.23 -15.20 32.13
CA VAL B 316 -14.72 -16.49 31.70
C VAL B 316 -14.94 -17.55 32.78
N ARG B 317 -14.65 -17.21 34.04
CA ARG B 317 -14.84 -18.17 35.13
C ARG B 317 -16.29 -18.62 35.22
N ALA B 318 -17.24 -17.70 35.06
CA ALA B 318 -18.64 -18.11 35.06
C ALA B 318 -18.94 -19.06 33.89
N GLY B 319 -18.24 -18.90 32.77
CA GLY B 319 -18.40 -19.85 31.67
C GLY B 319 -17.90 -21.25 32.02
N LEU B 320 -16.67 -21.34 32.54
CA LEU B 320 -16.13 -22.65 32.92
C LEU B 320 -17.03 -23.31 33.96
N ASP B 321 -17.49 -22.54 34.93
CA ASP B 321 -18.31 -23.14 35.97
C ASP B 321 -19.61 -23.68 35.39
N LEU B 322 -20.28 -22.89 34.54
CA LEU B 322 -21.56 -23.35 34.03
C LEU B 322 -21.38 -24.60 33.18
N ALA B 323 -20.23 -24.74 32.54
CA ALA B 323 -19.92 -25.94 31.77
C ALA B 323 -19.60 -27.11 32.69
N GLY B 324 -18.92 -26.84 33.80
CA GLY B 324 -18.49 -27.86 34.72
C GLY B 324 -17.09 -28.29 34.39
N VAL B 325 -16.25 -27.33 34.00
CA VAL B 325 -14.91 -27.58 33.53
C VAL B 325 -13.93 -26.88 34.45
N SER B 326 -12.86 -27.57 34.86
CA SER B 326 -11.83 -26.95 35.68
C SER B 326 -10.46 -26.91 35.04
PB GDP C . 17.74 12.11 -10.50
O1B GDP C . 19.07 11.52 -10.28
O2B GDP C . 16.99 12.55 -9.32
O3B GDP C . 16.92 11.36 -11.44
O3A GDP C . 18.04 13.42 -11.34
PA GDP C . 18.36 13.46 -12.90
O1A GDP C . 19.13 12.27 -13.32
O2A GDP C . 17.07 13.75 -13.57
O5' GDP C . 19.29 14.71 -12.97
C5' GDP C . 20.39 14.76 -12.10
C4' GDP C . 21.53 15.51 -12.77
O4' GDP C . 21.24 16.88 -12.88
C3' GDP C . 22.77 15.44 -11.92
O3' GDP C . 23.54 14.32 -12.31
C2' GDP C . 23.45 16.78 -12.14
O2' GDP C . 24.63 16.64 -12.91
C1' GDP C . 22.47 17.57 -12.96
N9 GDP C . 22.31 18.96 -12.52
C8 GDP C . 21.85 19.35 -11.33
N7 GDP C . 21.84 20.68 -11.23
C5 GDP C . 22.29 21.16 -12.39
C6 GDP C . 22.52 22.51 -12.94
O6 GDP C . 22.27 23.50 -12.26
N1 GDP C . 23.00 22.60 -14.16
C2 GDP C . 23.27 21.52 -14.89
N2 GDP C . 23.75 21.72 -16.12
N3 GDP C . 23.08 20.26 -14.47
C4 GDP C . 22.60 20.03 -13.24
C1 GOL D . 16.84 8.18 -7.81
O1 GOL D . 16.21 9.24 -8.51
C2 GOL D . 15.82 7.18 -7.33
O2 GOL D . 15.50 6.29 -8.39
C3 GOL D . 16.29 6.40 -6.13
O3 GOL D . 15.21 6.08 -5.27
H11 GOL D . 17.32 8.55 -7.03
H12 GOL D . 17.48 7.73 -8.40
HO1 GOL D . 15.64 8.91 -9.03
H2 GOL D . 15.00 7.66 -7.07
HO2 GOL D . 15.47 6.74 -9.11
H31 GOL D . 16.96 6.93 -5.64
H32 GOL D . 16.72 5.57 -6.43
HO3 GOL D . 15.44 6.29 -4.48
CA CA E . 7.34 -6.62 -24.49
CA CA F . 16.57 8.77 -11.21
PB GDP G . -16.63 -4.49 16.82
O1B GDP G . -15.43 -4.13 15.96
O2B GDP G . -16.24 -4.40 18.28
O3B GDP G . -17.74 -3.48 16.57
O3A GDP G . -17.10 -6.01 16.49
PA GDP G . -17.75 -6.97 17.64
O1A GDP G . -16.87 -7.14 18.86
O2A GDP G . -18.10 -8.34 17.12
O5' GDP G . -19.06 -6.11 18.03
C5' GDP G . -19.11 -5.54 19.33
C4' GDP G . -20.13 -6.29 20.17
O4' GDP G . -19.53 -6.47 21.44
C3' GDP G . -21.41 -5.48 20.38
O3' GDP G . -22.50 -6.12 19.71
C2' GDP G . -21.68 -5.50 21.88
O2' GDP G . -23.01 -5.93 22.17
C1' GDP G . -20.59 -6.45 22.39
N9 GDP G . -19.99 -5.99 23.64
C8 GDP G . -19.14 -4.97 23.82
N7 GDP G . -18.80 -4.85 25.12
C5 GDP G . -19.49 -5.81 25.78
C6 GDP G . -19.61 -6.25 27.17
O6 GDP G . -18.95 -5.64 28.03
N1 GDP G . -20.42 -7.28 27.46
C2 GDP G . -21.14 -7.93 26.51
N2 GDP G . -21.94 -8.97 26.90
N3 GDP G . -21.06 -7.59 25.19
C4 GDP G . -20.28 -6.56 24.80
CA CA H . -27.29 2.00 33.36
#